data_6A5Q
#
_entry.id   6A5Q
#
_cell.length_a   85.170
_cell.length_b   85.170
_cell.length_c   209.600
_cell.angle_alpha   90.000
_cell.angle_beta   90.000
_cell.angle_gamma   120.000
#
_symmetry.space_group_name_H-M   'P 32 2 1'
#
loop_
_entity.id
_entity.type
_entity.pdbx_description
1 polymer '14-3-3 protein beta/alpha'
2 polymer 'TFEB  pS211-peptide'
3 non-polymer 'MALONIC ACID'
4 water water
#
loop_
_entity_poly.entity_id
_entity_poly.type
_entity_poly.pdbx_seq_one_letter_code
_entity_poly.pdbx_strand_id
1 'polypeptide(L)'
;GPGSMTMDKSELVQKAKLAEQAERYDDMAAAMKAVTEQGHELSNEERNLLSVAYKNVVGARRSSWRVISSIEQKTERNEK
KQQMGKEYREKIEAELQDICNDVLELLDKYLIPNATQPESKVFYLKMKGDYFRYLSEVASGDNKQTTVSNSQQAYQEAFE
ISKKEMQPTHPIRLGLALNFSVFYYEILNSPEKACSLAKTAFDEAIAELDTLNEESYKDSTLIMQLLRDNLTLWTSENQG
DEGDAGEGEN
;
B,A,C
2 'polypeptide(L)' LVGVTSS(SEP)CPADLTQ D,E,F
#
# COMPACT_ATOMS: atom_id res chain seq x y z
N MET A 7 -10.67 2.53 24.35
CA MET A 7 -11.89 2.17 23.64
C MET A 7 -12.41 0.81 24.11
N ASP A 8 -13.63 0.79 24.63
CA ASP A 8 -14.22 -0.48 25.03
C ASP A 8 -14.88 -1.16 23.82
N LYS A 9 -15.14 -2.45 23.97
CA LYS A 9 -15.65 -3.25 22.85
C LYS A 9 -16.91 -2.63 22.25
N SER A 10 -17.79 -2.09 23.10
CA SER A 10 -19.03 -1.49 22.63
CA SER A 10 -19.03 -1.50 22.62
C SER A 10 -18.75 -0.34 21.65
N GLU A 11 -17.72 0.46 21.95
CA GLU A 11 -17.34 1.55 21.07
C GLU A 11 -16.73 1.03 19.78
N LEU A 12 -15.86 0.02 19.88
CA LEU A 12 -15.24 -0.54 18.67
C LEU A 12 -16.28 -1.13 17.74
N VAL A 13 -17.28 -1.83 18.28
CA VAL A 13 -18.31 -2.43 17.43
C VAL A 13 -19.15 -1.35 16.76
N GLN A 14 -19.47 -0.27 17.48
CA GLN A 14 -20.21 0.82 16.85
C GLN A 14 -19.40 1.47 15.74
N LYS A 15 -18.11 1.68 15.99
CA LYS A 15 -17.19 2.17 14.96
C LYS A 15 -17.24 1.27 13.72
N ALA A 16 -17.12 -0.05 13.93
CA ALA A 16 -17.15 -0.98 12.80
C ALA A 16 -18.43 -0.81 12.00
N LYS A 17 -19.57 -0.66 12.69
CA LYS A 17 -20.84 -0.48 12.00
C LYS A 17 -20.87 0.81 11.20
N LEU A 18 -20.35 1.90 11.78
CA LEU A 18 -20.30 3.18 11.04
C LEU A 18 -19.40 3.05 9.82
N ALA A 19 -18.25 2.39 9.98
CA ALA A 19 -17.32 2.24 8.87
C ALA A 19 -17.94 1.40 7.76
N GLU A 20 -18.67 0.35 8.13
CA GLU A 20 -19.40 -0.43 7.13
C GLU A 20 -20.37 0.45 6.34
N GLN A 21 -21.17 1.25 7.04
CA GLN A 21 -22.11 2.13 6.35
C GLN A 21 -21.40 3.08 5.40
N ALA A 22 -20.26 3.61 5.82
CA ALA A 22 -19.45 4.51 5.01
C ALA A 22 -18.57 3.80 3.99
N GLU A 23 -18.62 2.46 3.91
CA GLU A 23 -17.78 1.67 3.01
C GLU A 23 -16.29 1.97 3.21
N ARG A 24 -15.88 2.08 4.46
CA ARG A 24 -14.48 2.28 4.83
C ARG A 24 -14.03 0.98 5.47
N TYR A 25 -13.67 0.01 4.62
CA TYR A 25 -13.48 -1.36 5.10
C TYR A 25 -12.16 -1.55 5.83
N ASP A 26 -11.16 -0.69 5.58
CA ASP A 26 -9.95 -0.74 6.40
C ASP A 26 -10.28 -0.36 7.83
N ASP A 27 -11.04 0.73 8.02
CA ASP A 27 -11.49 1.10 9.35
C ASP A 27 -12.31 -0.02 9.99
N MET A 28 -13.22 -0.61 9.20
CA MET A 28 -14.08 -1.66 9.74
C MET A 28 -13.25 -2.84 10.21
N ALA A 29 -12.28 -3.27 9.39
CA ALA A 29 -11.43 -4.39 9.76
C ALA A 29 -10.55 -4.06 10.96
N ALA A 30 -10.04 -2.83 11.02
CA ALA A 30 -9.22 -2.44 12.17
C ALA A 30 -10.01 -2.48 13.46
N ALA A 31 -11.26 -2.01 13.42
CA ALA A 31 -12.10 -2.03 14.61
C ALA A 31 -12.39 -3.45 15.05
N MET A 32 -12.71 -4.36 14.11
CA MET A 32 -13.03 -5.72 14.54
C MET A 32 -11.80 -6.49 14.95
N LYS A 33 -10.64 -6.18 14.36
CA LYS A 33 -9.40 -6.77 14.85
C LYS A 33 -9.14 -6.37 16.31
N ALA A 34 -9.38 -5.08 16.63
CA ALA A 34 -9.22 -4.62 18.00
C ALA A 34 -10.18 -5.34 18.95
N VAL A 35 -11.45 -5.49 18.55
CA VAL A 35 -12.38 -6.28 19.35
C VAL A 35 -11.82 -7.66 19.63
N THR A 36 -11.38 -8.34 18.57
CA THR A 36 -10.92 -9.72 18.68
C THR A 36 -9.72 -9.84 19.61
N GLU A 37 -8.78 -8.89 19.49
CA GLU A 37 -7.57 -8.92 20.27
C GLU A 37 -7.79 -8.65 21.75
N GLN A 38 -8.96 -8.14 22.13
CA GLN A 38 -9.31 -8.03 23.54
C GLN A 38 -9.64 -9.40 24.16
N GLY A 39 -9.70 -10.45 23.36
CA GLY A 39 -9.72 -11.81 23.88
C GLY A 39 -11.08 -12.38 24.25
N HIS A 40 -12.18 -11.68 24.02
CA HIS A 40 -13.47 -12.28 24.33
C HIS A 40 -14.16 -12.81 23.08
N GLU A 41 -15.12 -13.68 23.29
CA GLU A 41 -15.77 -14.32 22.15
C GLU A 41 -16.74 -13.35 21.49
N LEU A 42 -16.95 -13.53 20.18
CA LEU A 42 -17.79 -12.66 19.39
C LEU A 42 -19.23 -13.15 19.38
N SER A 43 -20.15 -12.20 19.23
CA SER A 43 -21.54 -12.52 18.93
C SER A 43 -21.68 -12.90 17.46
N ASN A 44 -22.87 -13.37 17.08
CA ASN A 44 -23.13 -13.68 15.68
C ASN A 44 -22.94 -12.44 14.81
N GLU A 45 -23.46 -11.31 15.27
CA GLU A 45 -23.35 -10.04 14.55
C GLU A 45 -21.89 -9.63 14.40
N GLU A 46 -21.11 -9.73 15.48
CA GLU A 46 -19.70 -9.38 15.43
C GLU A 46 -18.91 -10.32 14.52
N ARG A 47 -19.29 -11.61 14.50
CA ARG A 47 -18.69 -12.54 13.55
C ARG A 47 -18.90 -12.05 12.11
N ASN A 48 -20.12 -11.64 11.79
CA ASN A 48 -20.41 -11.18 10.42
C ASN A 48 -19.68 -9.87 10.11
N LEU A 49 -19.55 -8.98 11.08
CA LEU A 49 -18.82 -7.73 10.88
C LEU A 49 -17.35 -8.01 10.58
N LEU A 50 -16.74 -8.92 11.35
CA LEU A 50 -15.36 -9.30 11.12
C LEU A 50 -15.19 -9.91 9.72
N SER A 51 -16.07 -10.85 9.36
CA SER A 51 -15.97 -11.53 8.07
C SER A 51 -16.20 -10.58 6.90
N VAL A 52 -17.22 -9.73 7.00
CA VAL A 52 -17.51 -8.77 5.93
C VAL A 52 -16.34 -7.80 5.77
N ALA A 53 -15.76 -7.35 6.88
CA ALA A 53 -14.70 -6.35 6.80
C ALA A 53 -13.48 -6.92 6.10
N TYR A 54 -13.03 -8.09 6.54
CA TYR A 54 -11.81 -8.64 5.97
C TYR A 54 -12.06 -9.21 4.57
N LYS A 55 -13.26 -9.69 4.28
CA LYS A 55 -13.50 -10.15 2.92
C LYS A 55 -13.47 -8.97 1.93
N ASN A 56 -13.99 -7.81 2.33
CA ASN A 56 -13.91 -6.64 1.44
C ASN A 56 -12.46 -6.19 1.26
N VAL A 57 -11.69 -6.18 2.34
CA VAL A 57 -10.28 -5.76 2.26
C VAL A 57 -9.49 -6.71 1.38
N VAL A 58 -9.58 -8.01 1.65
CA VAL A 58 -8.82 -8.95 0.81
C VAL A 58 -9.43 -9.03 -0.59
N GLY A 59 -10.75 -8.89 -0.70
CA GLY A 59 -11.41 -9.08 -1.97
C GLY A 59 -11.04 -8.01 -2.98
N ALA A 60 -10.78 -6.79 -2.50
CA ALA A 60 -10.27 -5.74 -3.39
C ALA A 60 -8.94 -6.14 -4.02
N ARG A 61 -8.04 -6.78 -3.26
CA ARG A 61 -6.76 -7.22 -3.81
C ARG A 61 -6.92 -8.39 -4.75
N ARG A 62 -7.81 -9.32 -4.40
CA ARG A 62 -8.08 -10.44 -5.31
C ARG A 62 -8.59 -9.93 -6.65
N SER A 63 -9.51 -8.98 -6.62
CA SER A 63 -10.01 -8.41 -7.88
C SER A 63 -8.91 -7.66 -8.62
N SER A 64 -8.12 -6.86 -7.92
CA SER A 64 -7.03 -6.12 -8.57
C SER A 64 -6.01 -7.07 -9.19
N TRP A 65 -5.68 -8.13 -8.46
CA TRP A 65 -4.76 -9.14 -8.97
C TRP A 65 -5.24 -9.74 -10.28
N ARG A 66 -6.53 -10.08 -10.37
CA ARG A 66 -7.03 -10.68 -11.60
C ARG A 66 -6.98 -9.69 -12.76
N VAL A 67 -7.31 -8.42 -12.51
CA VAL A 67 -7.20 -7.41 -13.56
C VAL A 67 -5.76 -7.31 -14.06
N ILE A 68 -4.79 -7.16 -13.13
CA ILE A 68 -3.41 -6.97 -13.55
C ILE A 68 -2.90 -8.22 -14.26
N SER A 69 -3.20 -9.41 -13.71
CA SER A 69 -2.77 -10.64 -14.35
C SER A 69 -3.35 -10.77 -15.74
N SER A 70 -4.60 -10.33 -15.91
CA SER A 70 -5.20 -10.36 -17.23
C SER A 70 -4.50 -9.38 -18.16
N ILE A 71 -4.11 -8.21 -17.67
CA ILE A 71 -3.40 -7.26 -18.52
C ILE A 71 -2.03 -7.82 -18.94
N GLU A 72 -1.32 -8.48 -18.01
CA GLU A 72 -0.03 -9.07 -18.36
C GLU A 72 -0.16 -10.09 -19.48
N GLN A 73 -1.22 -10.90 -19.43
CA GLN A 73 -1.37 -11.96 -20.41
C GLN A 73 -1.68 -11.41 -21.79
N LYS A 74 -2.25 -10.21 -21.89
CA LYS A 74 -2.50 -9.57 -23.19
C LYS A 74 -1.39 -8.63 -23.62
N THR A 75 -0.29 -8.55 -22.87
CA THR A 75 0.80 -7.63 -23.14
C THR A 75 1.93 -8.33 -23.90
N GLU A 76 2.60 -7.59 -24.78
CA GLU A 76 3.76 -8.12 -25.49
C GLU A 76 4.73 -8.78 -24.51
N ARG A 77 5.29 -9.92 -24.91
CA ARG A 77 6.06 -10.76 -23.99
C ARG A 77 7.56 -10.44 -24.06
N ASN A 78 7.90 -9.26 -23.55
CA ASN A 78 9.29 -8.88 -23.36
C ASN A 78 9.40 -8.13 -22.03
N GLU A 79 10.65 -8.02 -21.55
CA GLU A 79 10.89 -7.59 -20.18
C GLU A 79 10.46 -6.15 -19.96
N LYS A 80 10.75 -5.27 -20.93
CA LYS A 80 10.40 -3.86 -20.80
C LYS A 80 8.89 -3.66 -20.78
N LYS A 81 8.15 -4.45 -21.57
CA LYS A 81 6.70 -4.28 -21.55
C LYS A 81 6.04 -4.95 -20.36
N GLN A 82 6.66 -5.99 -19.80
CA GLN A 82 6.04 -6.78 -18.74
C GLN A 82 6.47 -6.38 -17.33
N GLN A 83 7.55 -5.62 -17.21
CA GLN A 83 8.20 -5.45 -15.91
C GLN A 83 7.26 -4.76 -14.92
N MET A 84 6.63 -3.67 -15.35
CA MET A 84 5.77 -2.90 -14.45
C MET A 84 4.58 -3.73 -13.98
N GLY A 85 3.92 -4.44 -14.90
CA GLY A 85 2.78 -5.25 -14.51
C GLY A 85 3.17 -6.36 -13.56
N LYS A 86 4.33 -6.98 -13.79
CA LYS A 86 4.82 -8.00 -12.88
C LYS A 86 5.06 -7.45 -11.48
N GLU A 87 5.77 -6.32 -11.39
CA GLU A 87 6.06 -5.75 -10.07
C GLU A 87 4.79 -5.28 -9.38
N TYR A 88 3.86 -4.70 -10.15
CA TYR A 88 2.60 -4.25 -9.56
C TYR A 88 1.79 -5.43 -9.06
N ARG A 89 1.70 -6.50 -9.85
CA ARG A 89 1.03 -7.71 -9.37
C ARG A 89 1.68 -8.19 -8.09
N GLU A 90 3.01 -8.17 -8.03
CA GLU A 90 3.67 -8.65 -6.82
C GLU A 90 3.39 -7.77 -5.63
N LYS A 91 3.27 -6.46 -5.83
CA LYS A 91 2.88 -5.58 -4.74
C LYS A 91 1.51 -5.95 -4.19
N ILE A 92 0.55 -6.18 -5.08
CA ILE A 92 -0.79 -6.56 -4.66
C ILE A 92 -0.75 -7.89 -3.94
N GLU A 93 0.07 -8.83 -4.42
CA GLU A 93 0.20 -10.12 -3.76
C GLU A 93 0.71 -9.98 -2.34
N ALA A 94 1.74 -9.14 -2.12
CA ALA A 94 2.25 -8.94 -0.77
C ALA A 94 1.20 -8.32 0.15
N GLU A 95 0.40 -7.37 -0.36
CA GLU A 95 -0.71 -6.87 0.44
C GLU A 95 -1.67 -7.99 0.82
N LEU A 96 -2.07 -8.78 -0.17
CA LEU A 96 -2.99 -9.88 0.09
C LEU A 96 -2.41 -10.81 1.16
N GLN A 97 -1.11 -11.11 1.06
CA GLN A 97 -0.48 -12.00 2.03
C GLN A 97 -0.50 -11.38 3.42
N ASP A 98 -0.23 -10.08 3.52
CA ASP A 98 -0.30 -9.40 4.81
C ASP A 98 -1.70 -9.46 5.40
N ILE A 99 -2.72 -9.24 4.57
CA ILE A 99 -4.10 -9.25 5.05
C ILE A 99 -4.49 -10.65 5.51
N CYS A 100 -4.20 -11.66 4.67
CA CYS A 100 -4.53 -13.03 5.05
C CYS A 100 -3.77 -13.45 6.30
N ASN A 101 -2.48 -13.13 6.39
CA ASN A 101 -1.73 -13.47 7.61
C ASN A 101 -2.36 -12.81 8.83
N ASP A 102 -2.85 -11.58 8.67
CA ASP A 102 -3.56 -10.89 9.75
C ASP A 102 -4.76 -11.69 10.25
N VAL A 103 -5.70 -12.04 9.36
CA VAL A 103 -6.91 -12.74 9.80
CA VAL A 103 -6.90 -12.73 9.81
C VAL A 103 -6.57 -14.13 10.32
N LEU A 104 -5.60 -14.80 9.70
CA LEU A 104 -5.28 -16.16 10.10
C LEU A 104 -4.68 -16.19 11.50
N GLU A 105 -3.94 -15.14 11.85
CA GLU A 105 -3.42 -15.01 13.21
C GLU A 105 -4.56 -14.82 14.22
N LEU A 106 -5.52 -13.96 13.89
CA LEU A 106 -6.68 -13.74 14.74
C LEU A 106 -7.47 -15.02 14.95
N LEU A 107 -7.67 -15.80 13.88
CA LEU A 107 -8.43 -17.04 13.99
C LEU A 107 -7.68 -18.06 14.84
N ASP A 108 -6.38 -18.21 14.61
CA ASP A 108 -5.60 -19.23 15.31
C ASP A 108 -5.33 -18.85 16.75
N LYS A 109 -5.10 -17.57 17.03
CA LYS A 109 -4.74 -17.16 18.38
C LYS A 109 -5.95 -16.89 19.27
N TYR A 110 -7.04 -16.34 18.73
CA TYR A 110 -8.18 -15.92 19.53
C TYR A 110 -9.47 -16.66 19.22
N LEU A 111 -9.89 -16.70 17.96
CA LEU A 111 -11.28 -17.03 17.67
C LEU A 111 -11.54 -18.53 17.75
N ILE A 112 -10.75 -19.32 17.04
CA ILE A 112 -10.94 -20.76 17.06
C ILE A 112 -10.76 -21.35 18.46
N PRO A 113 -9.67 -21.05 19.19
CA PRO A 113 -9.49 -21.74 20.49
C PRO A 113 -10.58 -21.41 21.48
N ASN A 114 -11.26 -20.30 21.29
CA ASN A 114 -12.20 -19.80 22.26
C ASN A 114 -13.66 -19.94 21.85
N ALA A 115 -13.93 -20.52 20.68
CA ALA A 115 -15.30 -20.66 20.20
C ALA A 115 -16.11 -21.55 21.14
N THR A 116 -17.32 -21.12 21.49
CA THR A 116 -18.08 -21.83 22.52
C THR A 116 -19.12 -22.81 21.98
N GLN A 117 -19.36 -22.83 20.68
CA GLN A 117 -20.40 -23.70 20.12
C GLN A 117 -19.89 -24.20 18.78
N PRO A 118 -20.27 -25.43 18.40
CA PRO A 118 -19.78 -25.97 17.13
C PRO A 118 -20.08 -25.07 15.95
N GLU A 119 -21.17 -24.30 16.02
CA GLU A 119 -21.55 -23.43 14.92
C GLU A 119 -20.50 -22.34 14.70
N SER A 120 -20.06 -21.68 15.77
CA SER A 120 -19.03 -20.67 15.61
CA SER A 120 -19.02 -20.67 15.65
C SER A 120 -17.70 -21.30 15.25
N LYS A 121 -17.38 -22.46 15.85
CA LYS A 121 -16.12 -23.13 15.51
C LYS A 121 -16.06 -23.47 14.03
N VAL A 122 -17.16 -23.93 13.46
CA VAL A 122 -17.18 -24.23 12.02
C VAL A 122 -17.03 -22.94 11.22
N PHE A 123 -17.73 -21.88 11.63
CA PHE A 123 -17.64 -20.58 10.99
C PHE A 123 -16.19 -20.13 10.89
N TYR A 124 -15.44 -20.23 11.98
CA TYR A 124 -14.05 -19.79 12.00
C TYR A 124 -13.14 -20.72 11.21
N LEU A 125 -13.34 -22.04 11.31
CA LEU A 125 -12.51 -22.96 10.52
C LEU A 125 -12.76 -22.81 9.03
N LYS A 126 -14.02 -22.57 8.65
CA LYS A 126 -14.30 -22.25 7.25
C LYS A 126 -13.51 -21.01 6.82
N MET A 127 -13.55 -19.94 7.64
CA MET A 127 -12.76 -18.74 7.36
C MET A 127 -11.28 -19.07 7.21
N LYS A 128 -10.74 -19.88 8.10
CA LYS A 128 -9.33 -20.25 8.01
C LYS A 128 -9.04 -20.94 6.69
N GLY A 129 -9.90 -21.88 6.28
CA GLY A 129 -9.73 -22.48 4.97
C GLY A 129 -9.81 -21.44 3.86
N ASP A 130 -10.72 -20.47 3.99
CA ASP A 130 -10.88 -19.44 2.97
C ASP A 130 -9.61 -18.62 2.80
N TYR A 131 -9.06 -18.12 3.90
CA TYR A 131 -7.91 -17.22 3.77
C TYR A 131 -6.65 -17.98 3.39
N PHE A 132 -6.54 -19.26 3.77
CA PHE A 132 -5.44 -20.06 3.20
C PHE A 132 -5.67 -20.35 1.73
N ARG A 133 -6.93 -20.47 1.31
CA ARG A 133 -7.22 -20.61 -0.12
C ARG A 133 -6.81 -19.35 -0.88
N TYR A 134 -7.11 -18.17 -0.33
CA TYR A 134 -6.74 -16.94 -1.05
C TYR A 134 -5.23 -16.79 -1.13
N LEU A 135 -4.52 -17.12 -0.04
CA LEU A 135 -3.06 -17.25 -0.10
C LEU A 135 -2.63 -18.19 -1.22
N SER A 136 -3.29 -19.36 -1.31
CA SER A 136 -2.91 -20.37 -2.30
C SER A 136 -3.15 -19.89 -3.72
N GLU A 137 -4.10 -18.97 -3.93
CA GLU A 137 -4.38 -18.45 -5.26
C GLU A 137 -3.15 -17.75 -5.85
N VAL A 138 -2.26 -17.21 -5.02
CA VAL A 138 -1.12 -16.47 -5.53
C VAL A 138 0.22 -17.01 -5.04
N ALA A 139 0.22 -18.03 -4.16
CA ALA A 139 1.47 -18.56 -3.65
C ALA A 139 2.21 -19.36 -4.73
N SER A 140 3.46 -19.70 -4.43
CA SER A 140 4.21 -20.62 -5.29
C SER A 140 5.20 -21.41 -4.44
N GLY A 141 5.79 -22.43 -5.06
CA GLY A 141 6.89 -23.18 -4.47
C GLY A 141 6.48 -23.92 -3.21
N ASP A 142 7.42 -24.01 -2.28
CA ASP A 142 7.16 -24.68 -1.01
C ASP A 142 6.08 -23.96 -0.22
N ASN A 143 6.02 -22.64 -0.35
CA ASN A 143 5.01 -21.87 0.37
C ASN A 143 3.61 -22.30 -0.05
N LYS A 144 3.39 -22.51 -1.35
CA LYS A 144 2.08 -22.91 -1.84
C LYS A 144 1.69 -24.29 -1.32
N GLN A 145 2.64 -25.23 -1.30
CA GLN A 145 2.35 -26.54 -0.73
C GLN A 145 1.85 -26.41 0.70
N THR A 146 2.45 -25.50 1.47
CA THR A 146 2.02 -25.28 2.84
C THR A 146 0.64 -24.63 2.93
N THR A 147 0.38 -23.61 2.10
CA THR A 147 -0.94 -22.96 2.21
C THR A 147 -2.04 -23.88 1.73
N VAL A 148 -1.78 -24.66 0.67
CA VAL A 148 -2.77 -25.60 0.15
C VAL A 148 -3.09 -26.65 1.20
N SER A 149 -2.05 -27.20 1.83
CA SER A 149 -2.27 -28.19 2.87
C SER A 149 -3.08 -27.62 4.02
N ASN A 150 -2.75 -26.39 4.45
CA ASN A 150 -3.45 -25.81 5.59
C ASN A 150 -4.90 -25.46 5.24
N SER A 151 -5.15 -25.03 4.01
CA SER A 151 -6.52 -24.77 3.61
C SER A 151 -7.34 -26.06 3.64
N GLN A 152 -6.81 -27.13 3.02
CA GLN A 152 -7.47 -28.43 3.03
C GLN A 152 -7.78 -28.88 4.46
N GLN A 153 -6.79 -28.76 5.36
CA GLN A 153 -6.97 -29.23 6.73
C GLN A 153 -8.07 -28.47 7.46
N ALA A 154 -8.10 -27.14 7.31
CA ALA A 154 -9.13 -26.36 8.00
C ALA A 154 -10.52 -26.67 7.46
N TYR A 155 -10.65 -26.76 6.13
CA TYR A 155 -11.93 -27.07 5.50
C TYR A 155 -12.41 -28.44 5.95
N GLN A 156 -11.51 -29.43 5.93
CA GLN A 156 -11.90 -30.79 6.26
C GLN A 156 -12.31 -30.91 7.73
N GLU A 157 -11.61 -30.22 8.63
CA GLU A 157 -12.01 -30.23 10.04
C GLU A 157 -13.38 -29.57 10.22
N ALA A 158 -13.57 -28.38 9.61
CA ALA A 158 -14.89 -27.75 9.63
C ALA A 158 -15.95 -28.67 9.05
N PHE A 159 -15.60 -29.38 7.97
CA PHE A 159 -16.55 -30.27 7.30
C PHE A 159 -16.96 -31.44 8.20
N GLU A 160 -16.00 -32.04 8.89
CA GLU A 160 -16.32 -33.15 9.79
C GLU A 160 -17.20 -32.69 10.94
N ILE A 161 -16.91 -31.52 11.51
CA ILE A 161 -17.75 -31.01 12.59
C ILE A 161 -19.16 -30.73 12.08
N SER A 162 -19.26 -30.08 10.92
CA SER A 162 -20.57 -29.69 10.41
C SER A 162 -21.44 -30.92 10.13
N LYS A 163 -20.83 -32.01 9.64
CA LYS A 163 -21.57 -33.22 9.33
C LYS A 163 -22.05 -33.92 10.59
N LYS A 164 -21.37 -33.71 11.71
CA LYS A 164 -21.81 -34.25 13.00
C LYS A 164 -22.84 -33.37 13.69
N GLU A 165 -22.76 -32.05 13.51
CA GLU A 165 -23.52 -31.14 14.35
C GLU A 165 -24.58 -30.33 13.63
N MET A 166 -24.58 -30.28 12.30
CA MET A 166 -25.48 -29.38 11.58
C MET A 166 -26.27 -30.15 10.54
N GLN A 167 -27.50 -29.69 10.31
CA GLN A 167 -28.29 -30.23 9.22
C GLN A 167 -27.74 -29.74 7.89
N PRO A 168 -27.98 -30.50 6.82
CA PRO A 168 -27.46 -30.13 5.50
C PRO A 168 -28.06 -28.84 4.94
N THR A 169 -29.15 -28.35 5.50
CA THR A 169 -29.75 -27.08 5.09
C THR A 169 -29.18 -25.90 5.85
N HIS A 170 -28.28 -26.13 6.80
CA HIS A 170 -27.70 -25.04 7.57
C HIS A 170 -26.83 -24.19 6.66
N PRO A 171 -27.01 -22.86 6.65
CA PRO A 171 -26.23 -22.01 5.72
C PRO A 171 -24.73 -22.12 5.89
N ILE A 172 -24.24 -22.29 7.12
CA ILE A 172 -22.80 -22.42 7.31
C ILE A 172 -22.29 -23.73 6.73
N ARG A 173 -23.04 -24.82 6.91
CA ARG A 173 -22.63 -26.08 6.31
C ARG A 173 -22.66 -25.99 4.79
N LEU A 174 -23.73 -25.41 4.24
CA LEU A 174 -23.81 -25.27 2.78
C LEU A 174 -22.71 -24.35 2.26
N GLY A 175 -22.47 -23.22 2.94
CA GLY A 175 -21.44 -22.30 2.50
C GLY A 175 -20.05 -22.89 2.60
N LEU A 176 -19.82 -23.71 3.63
CA LEU A 176 -18.58 -24.47 3.73
C LEU A 176 -18.41 -25.42 2.56
N ALA A 177 -19.46 -26.20 2.27
CA ALA A 177 -19.38 -27.15 1.16
C ALA A 177 -19.15 -26.44 -0.16
N LEU A 178 -19.79 -25.28 -0.35
CA LEU A 178 -19.57 -24.51 -1.56
C LEU A 178 -18.10 -24.10 -1.67
N ASN A 179 -17.55 -23.51 -0.62
CA ASN A 179 -16.18 -23.03 -0.73
C ASN A 179 -15.19 -24.17 -0.80
N PHE A 180 -15.45 -25.27 -0.08
CA PHE A 180 -14.58 -26.45 -0.16
C PHE A 180 -14.57 -27.00 -1.58
N SER A 181 -15.74 -27.08 -2.21
CA SER A 181 -15.78 -27.54 -3.60
C SER A 181 -14.98 -26.60 -4.52
N VAL A 182 -15.06 -25.29 -4.29
CA VAL A 182 -14.28 -24.33 -5.09
C VAL A 182 -12.78 -24.58 -4.88
N PHE A 183 -12.40 -24.85 -3.64
CA PHE A 183 -11.00 -25.20 -3.35
C PHE A 183 -10.54 -26.40 -4.18
N TYR A 184 -11.37 -27.45 -4.23
CA TYR A 184 -11.02 -28.63 -5.02
C TYR A 184 -10.87 -28.28 -6.49
N TYR A 185 -11.80 -27.48 -7.02
CA TYR A 185 -11.78 -27.19 -8.44
C TYR A 185 -10.65 -26.25 -8.80
N GLU A 186 -10.49 -25.17 -8.05
CA GLU A 186 -9.61 -24.08 -8.48
C GLU A 186 -8.19 -24.23 -7.98
N ILE A 187 -8.01 -24.78 -6.79
CA ILE A 187 -6.69 -24.89 -6.18
C ILE A 187 -6.09 -26.26 -6.40
N LEU A 188 -6.83 -27.33 -6.12
CA LEU A 188 -6.31 -28.70 -6.29
C LEU A 188 -6.48 -29.23 -7.72
N ASN A 189 -7.12 -28.48 -8.61
CA ASN A 189 -7.47 -28.92 -9.96
C ASN A 189 -8.00 -30.36 -9.96
N SER A 190 -8.99 -30.61 -9.11
CA SER A 190 -9.63 -31.92 -9.00
C SER A 190 -11.12 -31.75 -9.28
N PRO A 191 -11.48 -31.63 -10.56
CA PRO A 191 -12.89 -31.32 -10.89
C PRO A 191 -13.86 -32.40 -10.47
N GLU A 192 -13.42 -33.66 -10.44
CA GLU A 192 -14.31 -34.76 -10.09
C GLU A 192 -14.73 -34.69 -8.62
N LYS A 193 -13.78 -34.50 -7.71
CA LYS A 193 -14.15 -34.33 -6.31
C LYS A 193 -14.95 -33.05 -6.12
N ALA A 194 -14.57 -31.98 -6.82
CA ALA A 194 -15.28 -30.72 -6.67
C ALA A 194 -16.75 -30.88 -7.07
N CYS A 195 -16.98 -31.47 -8.24
CA CYS A 195 -18.35 -31.72 -8.69
C CYS A 195 -19.08 -32.67 -7.76
N SER A 196 -18.41 -33.73 -7.28
CA SER A 196 -19.09 -34.68 -6.42
C SER A 196 -19.46 -34.03 -5.09
N LEU A 197 -18.57 -33.22 -4.54
CA LEU A 197 -18.89 -32.51 -3.29
C LEU A 197 -20.05 -31.55 -3.50
N ALA A 198 -20.02 -30.76 -4.57
CA ALA A 198 -21.06 -29.76 -4.78
C ALA A 198 -22.41 -30.42 -5.00
N LYS A 199 -22.44 -31.48 -5.82
CA LYS A 199 -23.70 -32.19 -6.07
C LYS A 199 -24.25 -32.81 -4.80
N THR A 200 -23.39 -33.44 -4.00
CA THR A 200 -23.82 -34.07 -2.75
C THR A 200 -24.39 -33.04 -1.78
N ALA A 201 -23.70 -31.90 -1.62
CA ALA A 201 -24.22 -30.83 -0.76
C ALA A 201 -25.61 -30.38 -1.21
N PHE A 202 -25.80 -30.20 -2.51
CA PHE A 202 -27.11 -29.79 -3.00
C PHE A 202 -28.15 -30.89 -2.73
N ASP A 203 -27.81 -32.13 -3.08
CA ASP A 203 -28.73 -33.25 -2.94
C ASP A 203 -29.13 -33.45 -1.48
N GLU A 204 -28.17 -33.34 -0.57
CA GLU A 204 -28.50 -33.54 0.83
C GLU A 204 -29.39 -32.43 1.38
N ALA A 205 -29.20 -31.19 0.91
CA ALA A 205 -30.03 -30.09 1.39
C ALA A 205 -31.46 -30.22 0.87
N ILE A 206 -31.62 -30.51 -0.42
CA ILE A 206 -32.96 -30.60 -0.95
C ILE A 206 -33.69 -31.84 -0.43
N ALA A 207 -32.95 -32.91 -0.09
CA ALA A 207 -33.58 -34.06 0.55
C ALA A 207 -34.17 -33.70 1.90
N GLU A 208 -33.59 -32.73 2.62
CA GLU A 208 -34.09 -32.31 3.92
C GLU A 208 -34.66 -30.89 3.86
N LEU A 209 -35.29 -30.57 2.73
CA LEU A 209 -35.78 -29.21 2.51
C LEU A 209 -36.75 -28.79 3.60
N ASP A 210 -37.50 -29.74 4.17
CA ASP A 210 -38.44 -29.40 5.24
C ASP A 210 -37.75 -28.94 6.51
N THR A 211 -36.41 -29.00 6.59
CA THR A 211 -35.71 -28.49 7.76
C THR A 211 -35.24 -27.05 7.60
N LEU A 212 -35.45 -26.45 6.43
CA LEU A 212 -35.00 -25.08 6.20
C LEU A 212 -35.93 -24.11 6.93
N ASN A 213 -35.38 -23.31 7.84
CA ASN A 213 -36.21 -22.37 8.58
C ASN A 213 -36.15 -20.97 7.97
N GLU A 214 -37.00 -20.09 8.50
CA GLU A 214 -37.13 -18.76 7.95
C GLU A 214 -35.80 -18.01 7.96
N GLU A 215 -35.06 -18.13 9.06
CA GLU A 215 -33.82 -17.37 9.20
C GLU A 215 -32.79 -17.78 8.15
N SER A 216 -32.78 -19.07 7.80
CA SER A 216 -31.78 -19.63 6.91
C SER A 216 -32.18 -19.61 5.45
N TYR A 217 -33.46 -19.35 5.15
CA TYR A 217 -33.96 -19.60 3.80
C TYR A 217 -33.18 -18.82 2.76
N LYS A 218 -32.94 -17.54 3.01
CA LYS A 218 -32.30 -16.69 2.01
C LYS A 218 -30.88 -17.18 1.68
N ASP A 219 -30.07 -17.41 2.72
CA ASP A 219 -28.68 -17.81 2.48
C ASP A 219 -28.62 -19.23 1.93
N SER A 220 -29.37 -20.17 2.50
CA SER A 220 -29.27 -21.54 2.02
C SER A 220 -29.75 -21.69 0.57
N THR A 221 -30.85 -21.02 0.20
CA THR A 221 -31.27 -21.15 -1.19
C THR A 221 -30.32 -20.40 -2.13
N LEU A 222 -29.76 -19.29 -1.70
CA LEU A 222 -28.73 -18.63 -2.53
C LEU A 222 -27.54 -19.55 -2.76
N ILE A 223 -27.02 -20.15 -1.68
CA ILE A 223 -25.86 -21.02 -1.80
C ILE A 223 -26.18 -22.22 -2.68
N MET A 224 -27.39 -22.78 -2.55
CA MET A 224 -27.78 -23.89 -3.41
C MET A 224 -27.76 -23.47 -4.88
N GLN A 225 -28.18 -22.24 -5.17
CA GLN A 225 -28.12 -21.74 -6.54
C GLN A 225 -26.67 -21.61 -7.01
N LEU A 226 -25.77 -21.14 -6.13
CA LEU A 226 -24.37 -21.03 -6.49
C LEU A 226 -23.73 -22.40 -6.72
N LEU A 227 -24.14 -23.40 -5.93
CA LEU A 227 -23.71 -24.76 -6.21
C LEU A 227 -24.09 -25.17 -7.63
N ARG A 228 -25.33 -24.89 -8.04
CA ARG A 228 -25.73 -25.24 -9.41
C ARG A 228 -25.00 -24.40 -10.44
N ASP A 229 -24.83 -23.11 -10.17
CA ASP A 229 -24.11 -22.25 -11.09
C ASP A 229 -22.68 -22.76 -11.33
N ASN A 230 -22.03 -23.19 -10.25
CA ASN A 230 -20.67 -23.72 -10.37
C ASN A 230 -20.66 -25.03 -11.13
N LEU A 231 -21.61 -25.91 -10.83
CA LEU A 231 -21.66 -27.21 -11.51
C LEU A 231 -21.87 -27.04 -13.01
N THR A 232 -22.70 -26.08 -13.44
CA THR A 232 -22.84 -25.90 -14.88
C THR A 232 -21.57 -25.33 -15.49
N LEU A 233 -20.98 -24.31 -14.86
CA LEU A 233 -19.69 -23.79 -15.30
C LEU A 233 -18.66 -24.90 -15.38
N TRP A 234 -18.55 -25.70 -14.33
CA TRP A 234 -17.46 -26.67 -14.24
C TRP A 234 -17.63 -27.80 -15.25
N THR A 235 -18.87 -28.25 -15.47
CA THR A 235 -19.13 -29.34 -16.41
C THR A 235 -19.23 -28.85 -17.85
N SER A 236 -19.16 -27.55 -18.08
CA SER A 236 -19.07 -27.02 -19.42
C SER A 236 -17.67 -27.12 -19.98
N GLU A 237 -16.71 -27.63 -19.20
CA GLU A 237 -15.38 -27.95 -19.71
C GLU A 237 -15.38 -29.42 -20.14
N ASN A 238 -15.85 -29.63 -21.38
CA ASN A 238 -15.99 -30.96 -21.95
C ASN A 238 -14.92 -31.23 -23.00
N MET B 7 11.21 6.97 -11.29
CA MET B 7 10.65 6.41 -12.52
C MET B 7 10.58 7.45 -13.63
N ASP B 8 10.67 7.00 -14.87
CA ASP B 8 10.42 7.88 -16.00
C ASP B 8 8.96 8.30 -16.01
N LYS B 9 8.69 9.38 -16.74
CA LYS B 9 7.30 9.81 -16.92
C LYS B 9 6.47 8.70 -17.55
N SER B 10 7.01 8.04 -18.57
CA SER B 10 6.28 6.98 -19.25
C SER B 10 5.93 5.84 -18.30
N GLU B 11 6.81 5.57 -17.34
CA GLU B 11 6.55 4.47 -16.41
C GLU B 11 5.49 4.87 -15.39
N LEU B 12 5.50 6.13 -14.96
CA LEU B 12 4.48 6.61 -14.04
C LEU B 12 3.11 6.58 -14.69
N VAL B 13 3.04 6.97 -15.96
CA VAL B 13 1.76 6.98 -16.65
C VAL B 13 1.24 5.56 -16.82
N GLN B 14 2.13 4.62 -17.15
CA GLN B 14 1.77 3.21 -17.23
C GLN B 14 1.26 2.70 -15.88
N LYS B 15 1.95 3.07 -14.80
CA LYS B 15 1.50 2.70 -13.46
C LYS B 15 0.12 3.28 -13.16
N ALA B 16 -0.12 4.54 -13.56
CA ALA B 16 -1.42 5.16 -13.33
C ALA B 16 -2.53 4.41 -14.07
N LYS B 17 -2.25 4.00 -15.31
CA LYS B 17 -3.26 3.27 -16.07
C LYS B 17 -3.52 1.89 -15.49
N LEU B 18 -2.47 1.21 -15.01
CA LEU B 18 -2.66 -0.08 -14.34
C LEU B 18 -3.51 0.09 -13.09
N ALA B 19 -3.17 1.09 -12.27
CA ALA B 19 -3.91 1.34 -11.03
C ALA B 19 -5.37 1.67 -11.33
N GLU B 20 -5.63 2.48 -12.36
CA GLU B 20 -7.01 2.77 -12.74
C GLU B 20 -7.78 1.49 -13.08
N GLN B 21 -7.22 0.64 -13.93
CA GLN B 21 -7.85 -0.64 -14.24
C GLN B 21 -8.09 -1.47 -12.98
N ALA B 22 -7.15 -1.45 -12.06
CA ALA B 22 -7.25 -2.24 -10.84
C ALA B 22 -8.11 -1.57 -9.79
N GLU B 23 -8.64 -0.38 -10.09
CA GLU B 23 -9.42 0.44 -9.14
C GLU B 23 -8.65 0.67 -7.85
N ARG B 24 -7.36 0.99 -8.00
CA ARG B 24 -6.51 1.35 -6.88
C ARG B 24 -6.18 2.84 -7.03
N TYR B 25 -7.11 3.69 -6.56
CA TYR B 25 -7.03 5.11 -6.91
C TYR B 25 -6.00 5.87 -6.08
N ASP B 26 -5.68 5.40 -4.87
CA ASP B 26 -4.56 5.99 -4.14
C ASP B 26 -3.27 5.86 -4.96
N ASP B 27 -3.00 4.66 -5.49
CA ASP B 27 -1.82 4.45 -6.33
C ASP B 27 -1.88 5.32 -7.57
N MET B 28 -3.05 5.41 -8.19
CA MET B 28 -3.21 6.19 -9.42
C MET B 28 -2.89 7.66 -9.18
N ALA B 29 -3.38 8.21 -8.07
CA ALA B 29 -3.15 9.60 -7.71
C ALA B 29 -1.67 9.86 -7.37
N ALA B 30 -1.05 8.97 -6.60
CA ALA B 30 0.37 9.11 -6.29
C ALA B 30 1.20 9.11 -7.56
N ALA B 31 0.85 8.25 -8.51
CA ALA B 31 1.59 8.20 -9.77
C ALA B 31 1.45 9.50 -10.55
N MET B 32 0.22 10.03 -10.66
CA MET B 32 0.03 11.25 -11.42
C MET B 32 0.53 12.49 -10.68
N LYS B 33 0.53 12.45 -9.35
CA LYS B 33 1.19 13.50 -8.58
C LYS B 33 2.68 13.56 -8.92
N ALA B 34 3.33 12.40 -8.98
CA ALA B 34 4.74 12.38 -9.35
C ALA B 34 4.95 12.95 -10.75
N VAL B 35 4.12 12.54 -11.71
CA VAL B 35 4.23 13.10 -13.06
C VAL B 35 4.14 14.62 -13.02
N THR B 36 3.22 15.14 -12.22
CA THR B 36 3.01 16.59 -12.15
C THR B 36 4.23 17.28 -11.57
N GLU B 37 4.75 16.75 -10.47
CA GLU B 37 5.85 17.39 -9.77
C GLU B 37 7.14 17.33 -10.56
N GLN B 38 7.25 16.40 -11.51
CA GLN B 38 8.43 16.31 -12.35
C GLN B 38 8.36 17.36 -13.43
N GLY B 39 7.75 18.50 -13.09
CA GLY B 39 7.77 19.75 -13.84
C GLY B 39 6.88 19.91 -15.03
N HIS B 40 6.92 18.96 -15.95
CA HIS B 40 6.45 19.15 -17.31
C HIS B 40 4.96 19.45 -17.40
N GLU B 41 4.51 19.64 -18.63
CA GLU B 41 3.11 19.88 -18.93
C GLU B 41 2.47 18.52 -19.26
N LEU B 42 1.19 18.37 -18.92
CA LEU B 42 0.55 17.07 -19.09
C LEU B 42 -0.10 16.97 -20.47
N SER B 43 -0.15 15.75 -21.00
CA SER B 43 -0.94 15.47 -22.20
C SER B 43 -2.44 15.51 -21.84
N ASN B 44 -3.28 15.39 -22.88
CA ASN B 44 -4.73 15.32 -22.64
C ASN B 44 -5.08 14.09 -21.83
N GLU B 45 -4.50 12.95 -22.18
CA GLU B 45 -4.78 11.73 -21.43
C GLU B 45 -4.27 11.83 -20.00
N GLU B 46 -3.10 12.47 -19.79
CA GLU B 46 -2.55 12.61 -18.45
C GLU B 46 -3.40 13.53 -17.58
N ARG B 47 -3.95 14.60 -18.16
CA ARG B 47 -4.87 15.45 -17.42
C ARG B 47 -6.06 14.64 -16.94
N ASN B 48 -6.58 13.75 -17.80
CA ASN B 48 -7.73 12.92 -17.42
C ASN B 48 -7.34 11.90 -16.37
N LEU B 49 -6.17 11.25 -16.50
CA LEU B 49 -5.71 10.34 -15.44
C LEU B 49 -5.61 11.06 -14.10
N LEU B 50 -4.98 12.23 -14.08
CA LEU B 50 -4.85 13.00 -12.84
C LEU B 50 -6.23 13.31 -12.27
N SER B 51 -7.15 13.79 -13.12
CA SER B 51 -8.47 14.19 -12.63
C SER B 51 -9.27 12.99 -12.13
N VAL B 52 -9.29 11.91 -12.90
CA VAL B 52 -9.98 10.68 -12.47
C VAL B 52 -9.43 10.17 -11.13
N ALA B 53 -8.10 10.18 -10.98
CA ALA B 53 -7.52 9.63 -9.75
C ALA B 53 -7.95 10.44 -8.53
N TYR B 54 -7.74 11.75 -8.55
CA TYR B 54 -8.05 12.53 -7.35
C TYR B 54 -9.56 12.63 -7.11
N LYS B 55 -10.36 12.63 -8.18
CA LYS B 55 -11.81 12.64 -7.98
C LYS B 55 -12.27 11.37 -7.26
N ASN B 56 -11.69 10.21 -7.60
CA ASN B 56 -12.09 8.99 -6.91
C ASN B 56 -11.60 8.97 -5.46
N VAL B 57 -10.40 9.49 -5.22
CA VAL B 57 -9.89 9.55 -3.85
C VAL B 57 -10.74 10.48 -3.00
N VAL B 58 -11.00 11.71 -3.47
CA VAL B 58 -11.81 12.64 -2.69
C VAL B 58 -13.26 12.19 -2.66
N GLY B 59 -13.75 11.61 -3.77
CA GLY B 59 -15.16 11.25 -3.85
C GLY B 59 -15.55 10.17 -2.86
N ALA B 60 -14.64 9.22 -2.59
CA ALA B 60 -14.88 8.24 -1.54
C ALA B 60 -15.21 8.95 -0.23
N ARG B 61 -14.43 9.98 0.13
CA ARG B 61 -14.64 10.69 1.39
C ARG B 61 -15.91 11.51 1.36
N ARG B 62 -16.20 12.16 0.24
CA ARG B 62 -17.45 12.92 0.15
C ARG B 62 -18.64 11.99 0.37
N SER B 63 -18.64 10.85 -0.31
CA SER B 63 -19.72 9.88 -0.11
C SER B 63 -19.77 9.39 1.34
N SER B 64 -18.63 9.02 1.91
CA SER B 64 -18.61 8.58 3.30
C SER B 64 -19.13 9.67 4.23
N TRP B 65 -18.70 10.91 3.99
CA TRP B 65 -19.16 12.04 4.80
C TRP B 65 -20.67 12.18 4.78
N ARG B 66 -21.28 12.05 3.61
CA ARG B 66 -22.73 12.17 3.50
C ARG B 66 -23.45 11.08 4.28
N VAL B 67 -22.91 9.86 4.25
CA VAL B 67 -23.51 8.76 5.01
C VAL B 67 -23.42 9.03 6.50
N ILE B 68 -22.24 9.38 7.00
CA ILE B 68 -22.08 9.57 8.44
C ILE B 68 -22.90 10.78 8.89
N SER B 69 -22.93 11.85 8.10
CA SER B 69 -23.75 13.00 8.44
CA SER B 69 -23.76 13.01 8.42
C SER B 69 -25.22 12.60 8.59
N SER B 70 -25.74 11.88 7.61
CA SER B 70 -27.09 11.35 7.66
C SER B 70 -27.33 10.60 8.97
N ILE B 71 -26.46 9.63 9.27
CA ILE B 71 -26.62 8.84 10.47
C ILE B 71 -26.61 9.72 11.72
N GLU B 72 -25.73 10.73 11.75
CA GLU B 72 -25.73 11.68 12.87
C GLU B 72 -27.09 12.33 13.05
N GLN B 73 -27.74 12.70 11.97
CA GLN B 73 -29.06 13.32 12.01
C GLN B 73 -30.12 12.42 12.56
N LYS B 74 -30.15 11.20 12.12
CA LYS B 74 -31.14 10.26 12.62
C LYS B 74 -30.92 9.90 14.07
N THR B 75 -29.70 10.07 14.59
CA THR B 75 -29.37 9.67 15.97
C THR B 75 -29.83 10.76 16.93
N GLU B 76 -31.14 10.86 17.06
CA GLU B 76 -31.75 11.68 18.10
C GLU B 76 -31.84 10.87 19.38
N ARG B 77 -31.46 11.49 20.50
CA ARG B 77 -31.49 10.86 21.83
C ARG B 77 -30.56 9.66 21.96
N ASN B 78 -29.26 9.92 21.84
CA ASN B 78 -28.19 8.99 22.24
C ASN B 78 -26.86 9.72 22.06
N GLU B 79 -26.35 10.33 23.13
CA GLU B 79 -25.22 11.24 22.99
C GLU B 79 -23.93 10.53 22.64
N LYS B 80 -23.68 9.33 23.16
CA LYS B 80 -22.42 8.66 22.84
C LYS B 80 -22.40 8.22 21.38
N LYS B 81 -23.53 7.72 20.86
CA LYS B 81 -23.62 7.45 19.43
C LYS B 81 -23.40 8.71 18.63
N GLN B 82 -24.07 9.79 19.04
CA GLN B 82 -23.95 11.06 18.34
C GLN B 82 -22.52 11.57 18.36
N GLN B 83 -21.86 11.46 19.52
CA GLN B 83 -20.49 11.94 19.63
C GLN B 83 -19.55 11.13 18.75
N MET B 84 -19.77 9.81 18.68
CA MET B 84 -18.94 8.98 17.83
C MET B 84 -19.13 9.35 16.36
N GLY B 85 -20.39 9.54 15.94
CA GLY B 85 -20.65 9.96 14.58
C GLY B 85 -19.98 11.28 14.25
N LYS B 86 -19.98 12.20 15.21
CA LYS B 86 -19.33 13.49 15.00
C LYS B 86 -17.83 13.32 14.82
N GLU B 87 -17.19 12.58 15.73
CA GLU B 87 -15.75 12.38 15.65
C GLU B 87 -15.35 11.68 14.36
N TYR B 88 -16.12 10.66 13.96
CA TYR B 88 -15.79 9.94 12.72
C TYR B 88 -16.03 10.82 11.50
N ARG B 89 -17.10 11.63 11.51
CA ARG B 89 -17.31 12.58 10.43
C ARG B 89 -16.11 13.52 10.31
N GLU B 90 -15.60 13.99 11.45
CA GLU B 90 -14.48 14.93 11.43
C GLU B 90 -13.20 14.26 10.94
N LYS B 91 -13.00 12.97 11.24
CA LYS B 91 -11.86 12.25 10.68
C LYS B 91 -11.96 12.19 9.16
N ILE B 92 -13.16 11.93 8.65
CA ILE B 92 -13.35 11.89 7.21
C ILE B 92 -13.12 13.27 6.61
N GLU B 93 -13.62 14.32 7.27
CA GLU B 93 -13.39 15.67 6.78
C GLU B 93 -11.91 15.99 6.73
N ALA B 94 -11.15 15.53 7.72
CA ALA B 94 -9.72 15.81 7.73
C ALA B 94 -9.00 15.12 6.59
N GLU B 95 -9.38 13.87 6.29
CA GLU B 95 -8.83 13.20 5.10
C GLU B 95 -9.17 13.97 3.83
N LEU B 96 -10.43 14.38 3.71
CA LEU B 96 -10.86 15.14 2.53
C LEU B 96 -10.06 16.41 2.38
N GLN B 97 -9.81 17.11 3.49
CA GLN B 97 -9.02 18.33 3.44
C GLN B 97 -7.57 18.04 3.03
N ASP B 98 -6.95 17.00 3.61
CA ASP B 98 -5.62 16.59 3.17
C ASP B 98 -5.57 16.42 1.66
N ILE B 99 -6.55 15.71 1.11
CA ILE B 99 -6.54 15.35 -0.31
C ILE B 99 -6.73 16.59 -1.18
N CYS B 100 -7.71 17.43 -0.84
CA CYS B 100 -7.97 18.63 -1.64
C CYS B 100 -6.78 19.58 -1.62
N ASN B 101 -6.18 19.77 -0.44
CA ASN B 101 -5.02 20.65 -0.34
C ASN B 101 -3.84 20.08 -1.12
N ASP B 102 -3.73 18.75 -1.19
CA ASP B 102 -2.70 18.10 -1.99
C ASP B 102 -2.84 18.47 -3.47
N VAL B 103 -4.02 18.26 -4.04
CA VAL B 103 -4.18 18.54 -5.47
C VAL B 103 -4.23 20.06 -5.74
N LEU B 104 -4.77 20.84 -4.80
CA LEU B 104 -4.75 22.29 -4.99
C LEU B 104 -3.33 22.83 -5.03
N GLU B 105 -2.40 22.22 -4.29
CA GLU B 105 -1.00 22.65 -4.37
C GLU B 105 -0.37 22.26 -5.69
N LEU B 106 -0.69 21.08 -6.22
CA LEU B 106 -0.20 20.69 -7.54
C LEU B 106 -0.69 21.65 -8.62
N LEU B 107 -1.97 22.02 -8.54
CA LEU B 107 -2.53 22.95 -9.52
C LEU B 107 -1.89 24.33 -9.42
N ASP B 108 -1.78 24.85 -8.21
CA ASP B 108 -1.29 26.21 -8.03
CA ASP B 108 -1.29 26.22 -8.02
C ASP B 108 0.22 26.31 -8.26
N LYS B 109 0.97 25.28 -7.91
CA LYS B 109 2.43 25.35 -8.00
C LYS B 109 2.97 24.90 -9.35
N TYR B 110 2.35 23.89 -9.97
CA TYR B 110 2.89 23.30 -11.19
C TYR B 110 1.99 23.47 -12.40
N LEU B 111 0.71 23.14 -12.27
CA LEU B 111 -0.11 22.94 -13.47
C LEU B 111 -0.58 24.27 -14.06
N ILE B 112 -1.17 25.13 -13.24
CA ILE B 112 -1.73 26.38 -13.74
C ILE B 112 -0.61 27.29 -14.24
N PRO B 113 0.45 27.56 -13.47
CA PRO B 113 1.46 28.50 -13.97
C PRO B 113 2.18 28.03 -15.23
N ASN B 114 2.19 26.73 -15.53
CA ASN B 114 2.90 26.24 -16.70
C ASN B 114 2.00 25.85 -17.87
N ALA B 115 0.69 26.00 -17.76
CA ALA B 115 -0.18 25.61 -18.86
C ALA B 115 0.10 26.47 -20.08
N THR B 116 0.36 25.82 -21.20
CA THR B 116 0.72 26.53 -22.42
C THR B 116 -0.52 27.00 -23.18
N GLN B 117 -1.49 26.09 -23.39
CA GLN B 117 -2.71 26.21 -24.17
C GLN B 117 -3.88 26.67 -23.28
N PRO B 118 -4.79 27.46 -23.83
CA PRO B 118 -5.96 27.88 -23.03
C PRO B 118 -6.82 26.71 -22.58
N GLU B 119 -6.91 25.65 -23.36
CA GLU B 119 -7.74 24.51 -22.97
C GLU B 119 -7.24 23.86 -21.70
N SER B 120 -5.93 23.55 -21.66
CA SER B 120 -5.30 23.06 -20.44
C SER B 120 -5.52 24.00 -19.27
N LYS B 121 -5.39 25.29 -19.50
CA LYS B 121 -5.53 26.24 -18.40
C LYS B 121 -6.95 26.23 -17.84
N VAL B 122 -7.96 26.13 -18.72
CA VAL B 122 -9.34 26.05 -18.24
C VAL B 122 -9.53 24.76 -17.45
N PHE B 123 -8.98 23.66 -17.96
CA PHE B 123 -9.09 22.37 -17.29
C PHE B 123 -8.60 22.47 -15.85
N TYR B 124 -7.41 23.05 -15.64
CA TYR B 124 -6.84 23.17 -14.29
C TYR B 124 -7.62 24.15 -13.44
N LEU B 125 -8.02 25.28 -14.02
CA LEU B 125 -8.73 26.28 -13.23
C LEU B 125 -10.07 25.75 -12.79
N LYS B 126 -10.74 24.99 -13.64
CA LYS B 126 -11.96 24.29 -13.23
C LYS B 126 -11.68 23.34 -12.06
N MET B 127 -10.60 22.54 -12.18
CA MET B 127 -10.24 21.66 -11.08
C MET B 127 -10.04 22.44 -9.79
N LYS B 128 -9.35 23.58 -9.87
CA LYS B 128 -9.14 24.42 -8.69
C LYS B 128 -10.46 24.84 -8.08
N GLY B 129 -11.39 25.30 -8.91
CA GLY B 129 -12.72 25.61 -8.39
C GLY B 129 -13.37 24.40 -7.76
N ASP B 130 -13.28 23.24 -8.41
CA ASP B 130 -13.89 22.02 -7.87
C ASP B 130 -13.34 21.69 -6.49
N TYR B 131 -12.02 21.66 -6.32
CA TYR B 131 -11.51 21.17 -5.03
C TYR B 131 -11.64 22.20 -3.92
N PHE B 132 -11.66 23.49 -4.26
CA PHE B 132 -12.07 24.48 -3.26
C PHE B 132 -13.55 24.35 -2.93
N ARG B 133 -14.38 23.97 -3.91
CA ARG B 133 -15.79 23.71 -3.61
C ARG B 133 -15.94 22.51 -2.67
N TYR B 134 -15.20 21.43 -2.92
CA TYR B 134 -15.29 20.29 -2.00
C TYR B 134 -14.85 20.67 -0.58
N LEU B 135 -13.78 21.47 -0.46
CA LEU B 135 -13.39 21.99 0.85
C LEU B 135 -14.52 22.80 1.48
N SER B 136 -15.16 23.66 0.68
CA SER B 136 -16.26 24.49 1.16
C SER B 136 -17.41 23.66 1.68
N GLU B 137 -17.66 22.49 1.08
CA GLU B 137 -18.76 21.65 1.52
C GLU B 137 -18.65 21.27 2.99
N VAL B 138 -17.43 21.19 3.51
CA VAL B 138 -17.22 20.77 4.90
C VAL B 138 -16.53 21.85 5.72
N ALA B 139 -16.24 23.00 5.13
CA ALA B 139 -15.59 24.08 5.86
C ALA B 139 -16.58 24.78 6.79
N SER B 140 -16.03 25.62 7.67
CA SER B 140 -16.84 26.30 8.67
C SER B 140 -16.25 27.66 8.93
N GLY B 141 -17.08 28.55 9.50
CA GLY B 141 -16.60 29.83 9.99
C GLY B 141 -15.83 30.62 8.97
N ASP B 142 -14.75 31.26 9.43
CA ASP B 142 -13.97 32.11 8.54
C ASP B 142 -13.19 31.30 7.52
N ASN B 143 -12.96 30.01 7.79
CA ASN B 143 -12.31 29.17 6.80
C ASN B 143 -13.17 28.98 5.57
N LYS B 144 -14.48 28.76 5.77
CA LYS B 144 -15.38 28.64 4.65
C LYS B 144 -15.34 29.87 3.77
N GLN B 145 -15.30 31.06 4.38
CA GLN B 145 -15.24 32.29 3.60
C GLN B 145 -14.06 32.28 2.63
N THR B 146 -12.90 31.79 3.08
CA THR B 146 -11.73 31.72 2.21
C THR B 146 -11.92 30.70 1.09
N THR B 147 -12.37 29.48 1.41
CA THR B 147 -12.49 28.44 0.39
C THR B 147 -13.56 28.81 -0.65
N VAL B 148 -14.70 29.30 -0.18
CA VAL B 148 -15.77 29.73 -1.09
C VAL B 148 -15.28 30.82 -2.03
N SER B 149 -14.56 31.80 -1.48
CA SER B 149 -14.05 32.89 -2.32
C SER B 149 -13.03 32.37 -3.32
N ASN B 150 -12.13 31.49 -2.89
CA ASN B 150 -11.14 30.92 -3.82
C ASN B 150 -11.79 30.06 -4.89
N SER B 151 -12.81 29.28 -4.52
CA SER B 151 -13.54 28.50 -5.52
C SER B 151 -14.16 29.42 -6.58
N GLN B 152 -14.90 30.43 -6.14
CA GLN B 152 -15.56 31.35 -7.07
C GLN B 152 -14.58 32.01 -8.02
N GLN B 153 -13.44 32.48 -7.50
CA GLN B 153 -12.48 33.16 -8.35
C GLN B 153 -11.88 32.20 -9.38
N ALA B 154 -11.58 30.96 -8.98
CA ALA B 154 -11.04 30.02 -9.96
C ALA B 154 -12.06 29.70 -11.04
N TYR B 155 -13.32 29.48 -10.65
CA TYR B 155 -14.36 29.23 -11.64
C TYR B 155 -14.52 30.44 -12.56
N GLN B 156 -14.48 31.64 -11.99
CA GLN B 156 -14.67 32.83 -12.81
C GLN B 156 -13.58 32.97 -13.86
N GLU B 157 -12.32 32.74 -13.47
CA GLU B 157 -11.23 32.88 -14.41
C GLU B 157 -11.29 31.81 -15.49
N ALA B 158 -11.62 30.57 -15.10
CA ALA B 158 -11.79 29.52 -16.11
C ALA B 158 -12.92 29.88 -17.06
N PHE B 159 -13.99 30.44 -16.52
CA PHE B 159 -15.18 30.76 -17.31
C PHE B 159 -14.86 31.83 -18.35
N GLU B 160 -14.11 32.86 -17.94
CA GLU B 160 -13.73 33.92 -18.88
C GLU B 160 -12.92 33.37 -20.04
N ILE B 161 -11.95 32.51 -19.75
CA ILE B 161 -11.11 31.96 -20.80
C ILE B 161 -11.91 31.02 -21.70
N SER B 162 -12.74 30.17 -21.10
CA SER B 162 -13.46 29.18 -21.92
C SER B 162 -14.40 29.86 -22.92
N LYS B 163 -15.10 30.91 -22.48
CA LYS B 163 -16.06 31.58 -23.37
C LYS B 163 -15.37 32.17 -24.60
N LYS B 164 -14.15 32.67 -24.46
CA LYS B 164 -13.50 33.22 -25.63
C LYS B 164 -12.76 32.18 -26.45
N GLU B 165 -12.31 31.07 -25.82
CA GLU B 165 -11.47 30.12 -26.55
C GLU B 165 -12.20 28.86 -26.99
N MET B 166 -13.39 28.56 -26.47
CA MET B 166 -14.03 27.30 -26.76
C MET B 166 -15.43 27.51 -27.33
N GLN B 167 -15.79 26.64 -28.28
CA GLN B 167 -17.17 26.58 -28.74
C GLN B 167 -18.08 26.24 -27.56
N PRO B 168 -19.35 26.68 -27.58
CA PRO B 168 -20.23 26.39 -26.44
C PRO B 168 -20.60 24.91 -26.32
N THR B 169 -20.29 24.08 -27.30
CA THR B 169 -20.48 22.65 -27.21
C THR B 169 -19.26 21.93 -26.64
N HIS B 170 -18.19 22.66 -26.34
CA HIS B 170 -16.96 22.02 -25.86
C HIS B 170 -17.19 21.38 -24.50
N PRO B 171 -16.87 20.08 -24.34
CA PRO B 171 -17.11 19.41 -23.04
C PRO B 171 -16.54 20.16 -21.85
N ILE B 172 -15.35 20.74 -21.97
CA ILE B 172 -14.77 21.43 -20.82
C ILE B 172 -15.58 22.69 -20.50
N ARG B 173 -15.96 23.44 -21.54
CA ARG B 173 -16.77 24.64 -21.31
C ARG B 173 -18.13 24.27 -20.72
N LEU B 174 -18.78 23.23 -21.26
CA LEU B 174 -20.05 22.79 -20.69
C LEU B 174 -19.88 22.28 -19.26
N GLY B 175 -18.86 21.46 -19.00
CA GLY B 175 -18.68 20.89 -17.68
C GLY B 175 -18.30 21.93 -16.63
N LEU B 176 -17.53 22.93 -17.03
CA LEU B 176 -17.24 24.07 -16.16
C LEU B 176 -18.52 24.81 -15.77
N ALA B 177 -19.35 25.14 -16.77
CA ALA B 177 -20.62 25.81 -16.49
C ALA B 177 -21.48 24.97 -15.55
N LEU B 178 -21.52 23.65 -15.78
CA LEU B 178 -22.27 22.78 -14.89
C LEU B 178 -21.76 22.89 -13.45
N ASN B 179 -20.45 22.77 -13.26
CA ASN B 179 -19.94 22.76 -11.88
C ASN B 179 -20.03 24.14 -11.24
N PHE B 180 -19.81 25.20 -12.02
CA PHE B 180 -19.96 26.56 -11.52
C PHE B 180 -21.40 26.82 -11.10
N SER B 181 -22.36 26.33 -11.89
CA SER B 181 -23.77 26.48 -11.51
C SER B 181 -24.07 25.69 -10.25
N VAL B 182 -23.45 24.52 -10.09
CA VAL B 182 -23.62 23.78 -8.84
C VAL B 182 -23.02 24.56 -7.67
N PHE B 183 -21.88 25.19 -7.90
CA PHE B 183 -21.28 26.04 -6.87
C PHE B 183 -22.26 27.13 -6.45
N TYR B 184 -22.81 27.86 -7.42
CA TYR B 184 -23.76 28.92 -7.12
C TYR B 184 -24.95 28.39 -6.34
N TYR B 185 -25.45 27.22 -6.73
CA TYR B 185 -26.66 26.71 -6.10
C TYR B 185 -26.39 26.12 -4.72
N GLU B 186 -25.42 25.22 -4.60
CA GLU B 186 -25.21 24.48 -3.35
C GLU B 186 -24.33 25.22 -2.35
N ILE B 187 -23.38 26.01 -2.82
CA ILE B 187 -22.41 26.67 -1.95
C ILE B 187 -22.82 28.11 -1.66
N LEU B 188 -23.08 28.90 -2.71
CA LEU B 188 -23.40 30.32 -2.56
C LEU B 188 -24.88 30.60 -2.31
N ASN B 189 -25.73 29.57 -2.31
CA ASN B 189 -27.17 29.71 -2.15
C ASN B 189 -27.73 30.84 -3.03
N SER B 190 -27.54 30.70 -4.34
CA SER B 190 -27.96 31.72 -5.31
C SER B 190 -28.61 31.03 -6.49
N PRO B 191 -29.87 30.61 -6.35
CA PRO B 191 -30.51 29.84 -7.42
C PRO B 191 -30.68 30.61 -8.71
N GLU B 192 -30.89 31.94 -8.65
CA GLU B 192 -31.04 32.70 -9.89
C GLU B 192 -29.75 32.70 -10.69
N LYS B 193 -28.62 32.98 -10.02
CA LYS B 193 -27.35 32.89 -10.72
C LYS B 193 -27.11 31.48 -11.24
N ALA B 194 -27.41 30.47 -10.40
CA ALA B 194 -27.19 29.08 -10.80
C ALA B 194 -28.05 28.70 -12.00
N CYS B 195 -29.35 29.00 -11.92
CA CYS B 195 -30.25 28.67 -13.03
C CYS B 195 -29.90 29.45 -14.29
N SER B 196 -29.57 30.74 -14.14
CA SER B 196 -29.21 31.54 -15.30
C SER B 196 -27.97 30.97 -15.98
N LEU B 197 -26.97 30.59 -15.20
CA LEU B 197 -25.77 30.03 -15.81
C LEU B 197 -26.07 28.69 -16.47
N ALA B 198 -26.82 27.82 -15.78
CA ALA B 198 -27.10 26.50 -16.34
C ALA B 198 -27.95 26.60 -17.61
N LYS B 199 -29.00 27.43 -17.58
CA LYS B 199 -29.85 27.57 -18.77
C LYS B 199 -29.08 28.21 -19.91
N THR B 200 -28.29 29.24 -19.61
CA THR B 200 -27.52 29.89 -20.67
C THR B 200 -26.52 28.93 -21.29
N ALA B 201 -25.84 28.12 -20.46
CA ALA B 201 -24.91 27.16 -21.04
C ALA B 201 -25.64 26.18 -21.95
N PHE B 202 -26.75 25.63 -21.47
CA PHE B 202 -27.55 24.73 -22.30
C PHE B 202 -27.98 25.43 -23.59
N ASP B 203 -28.51 26.65 -23.47
CA ASP B 203 -29.06 27.33 -24.65
C ASP B 203 -27.98 27.62 -25.67
N GLU B 204 -26.80 28.05 -25.22
CA GLU B 204 -25.72 28.38 -26.15
C GLU B 204 -25.18 27.14 -26.84
N ALA B 205 -25.19 25.99 -26.15
CA ALA B 205 -24.78 24.75 -26.78
C ALA B 205 -25.77 24.32 -27.87
N ILE B 206 -27.07 24.35 -27.55
CA ILE B 206 -28.09 24.01 -28.54
C ILE B 206 -28.01 24.94 -29.74
N ALA B 207 -27.85 26.24 -29.49
CA ALA B 207 -27.83 27.20 -30.57
C ALA B 207 -26.73 26.91 -31.58
N GLU B 208 -25.62 26.35 -31.14
CA GLU B 208 -24.51 26.03 -32.03
C GLU B 208 -24.24 24.54 -32.00
N LEU B 209 -25.33 23.75 -31.97
CA LEU B 209 -25.20 22.30 -31.86
C LEU B 209 -24.39 21.72 -33.01
N ASP B 210 -24.37 22.42 -34.14
CA ASP B 210 -23.60 22.04 -35.31
C ASP B 210 -22.10 22.09 -35.09
N THR B 211 -21.64 22.64 -33.96
CA THR B 211 -20.21 22.62 -33.65
C THR B 211 -19.79 21.39 -32.86
N LEU B 212 -20.71 20.51 -32.49
CA LEU B 212 -20.38 19.37 -31.65
C LEU B 212 -19.81 18.24 -32.51
N ASN B 213 -18.57 17.85 -32.28
CA ASN B 213 -17.91 16.86 -33.11
C ASN B 213 -18.05 15.45 -32.52
N GLU B 214 -17.57 14.44 -33.27
CA GLU B 214 -17.77 13.06 -32.88
C GLU B 214 -17.11 12.74 -31.54
N GLU B 215 -15.91 13.28 -31.32
CA GLU B 215 -15.16 12.98 -30.10
C GLU B 215 -15.86 13.53 -28.85
N SER B 216 -16.48 14.69 -28.97
CA SER B 216 -17.09 15.36 -27.82
C SER B 216 -18.53 14.97 -27.59
N TYR B 217 -19.16 14.32 -28.57
CA TYR B 217 -20.60 14.09 -28.51
C TYR B 217 -21.04 13.46 -27.20
N LYS B 218 -20.43 12.34 -26.80
CA LYS B 218 -20.87 11.64 -25.60
C LYS B 218 -20.83 12.54 -24.37
N ASP B 219 -19.67 13.17 -24.13
CA ASP B 219 -19.51 14.01 -22.93
C ASP B 219 -20.44 15.22 -22.98
N SER B 220 -20.49 15.91 -24.12
CA SER B 220 -21.28 17.14 -24.18
C SER B 220 -22.77 16.87 -24.02
N THR B 221 -23.28 15.80 -24.64
CA THR B 221 -24.72 15.52 -24.49
C THR B 221 -25.04 15.05 -23.09
N LEU B 222 -24.13 14.32 -22.45
CA LEU B 222 -24.35 13.94 -21.06
C LEU B 222 -24.43 15.16 -20.16
N ILE B 223 -23.47 16.09 -20.32
CA ILE B 223 -23.44 17.28 -19.46
C ILE B 223 -24.68 18.12 -19.69
N MET B 224 -25.13 18.22 -20.95
CA MET B 224 -26.38 18.94 -21.23
C MET B 224 -27.55 18.30 -20.49
N GLN B 225 -27.61 16.97 -20.45
CA GLN B 225 -28.65 16.31 -19.68
C GLN B 225 -28.51 16.58 -18.18
N LEU B 226 -27.27 16.58 -17.67
CA LEU B 226 -27.09 16.89 -16.26
C LEU B 226 -27.51 18.33 -15.93
N LEU B 227 -27.26 19.27 -16.84
CA LEU B 227 -27.76 20.62 -16.64
C LEU B 227 -29.27 20.62 -16.48
N ARG B 228 -29.97 19.92 -17.37
CA ARG B 228 -31.43 19.79 -17.28
C ARG B 228 -31.84 19.10 -15.98
N ASP B 229 -31.19 17.98 -15.65
CA ASP B 229 -31.51 17.25 -14.43
C ASP B 229 -31.40 18.15 -13.21
N ASN B 230 -30.31 18.92 -13.12
CA ASN B 230 -30.15 19.86 -12.01
C ASN B 230 -31.25 20.91 -12.00
N LEU B 231 -31.52 21.52 -13.16
CA LEU B 231 -32.53 22.57 -13.22
C LEU B 231 -33.91 22.04 -12.80
N THR B 232 -34.21 20.80 -13.16
CA THR B 232 -35.44 20.15 -12.70
C THR B 232 -35.47 20.01 -11.18
N LEU B 233 -34.38 19.49 -10.60
CA LEU B 233 -34.26 19.41 -9.15
C LEU B 233 -34.39 20.79 -8.51
N TRP B 234 -33.65 21.77 -9.01
CA TRP B 234 -33.61 23.08 -8.37
C TRP B 234 -34.92 23.85 -8.50
N THR B 235 -35.84 23.42 -9.35
CA THR B 235 -37.12 24.09 -9.47
C THR B 235 -38.21 23.48 -8.60
N SER B 236 -37.99 22.28 -8.05
CA SER B 236 -38.78 21.83 -6.92
C SER B 236 -38.55 22.73 -5.71
N GLU B 237 -37.30 22.79 -5.26
CA GLU B 237 -36.93 23.52 -4.04
C GLU B 237 -36.47 24.95 -4.37
N ASN B 238 -37.36 25.70 -5.04
CA ASN B 238 -37.01 27.03 -5.51
C ASN B 238 -36.83 28.01 -4.34
N MET C 7 51.79 -12.41 -6.24
CA MET C 7 52.14 -11.21 -5.47
C MET C 7 52.05 -11.47 -3.95
N ASP C 8 53.11 -11.08 -3.25
CA ASP C 8 53.23 -11.43 -1.85
C ASP C 8 52.22 -10.68 -0.99
N LYS C 9 51.53 -11.41 -0.10
CA LYS C 9 50.51 -10.82 0.76
C LYS C 9 51.05 -9.61 1.51
N SER C 10 52.21 -9.75 2.15
CA SER C 10 52.84 -8.65 2.86
C SER C 10 53.02 -7.43 1.96
N GLU C 11 53.32 -7.65 0.67
CA GLU C 11 53.50 -6.56 -0.27
C GLU C 11 52.17 -5.89 -0.62
N LEU C 12 51.13 -6.70 -0.86
CA LEU C 12 49.80 -6.16 -1.10
C LEU C 12 49.30 -5.33 0.09
N VAL C 13 49.58 -5.79 1.31
CA VAL C 13 49.13 -5.07 2.50
C VAL C 13 49.84 -3.73 2.60
N GLN C 14 51.15 -3.71 2.32
CA GLN C 14 51.88 -2.45 2.29
C GLN C 14 51.32 -1.52 1.23
N LYS C 15 50.90 -2.07 0.09
CA LYS C 15 50.26 -1.27 -0.96
C LYS C 15 48.95 -0.67 -0.45
N ALA C 16 48.13 -1.48 0.24
CA ALA C 16 46.88 -0.96 0.77
C ALA C 16 47.12 0.17 1.75
N LYS C 17 48.17 0.06 2.57
CA LYS C 17 48.46 1.09 3.55
C LYS C 17 48.92 2.37 2.87
N LEU C 18 49.76 2.25 1.85
CA LEU C 18 50.18 3.40 1.06
C LEU C 18 48.98 4.07 0.42
N ALA C 19 48.12 3.27 -0.22
CA ALA C 19 46.94 3.81 -0.89
C ALA C 19 46.03 4.52 0.10
N GLU C 20 45.84 3.94 1.29
CA GLU C 20 45.02 4.57 2.31
C GLU C 20 45.55 5.96 2.65
N GLN C 21 46.86 6.06 2.90
CA GLN C 21 47.47 7.34 3.23
C GLN C 21 47.27 8.34 2.11
N ALA C 22 47.30 7.87 0.87
CA ALA C 22 47.19 8.75 -0.28
C ALA C 22 45.73 9.00 -0.66
N GLU C 23 44.79 8.45 0.11
CA GLU C 23 43.36 8.56 -0.16
C GLU C 23 43.05 8.11 -1.58
N ARG C 24 43.65 6.98 -1.97
CA ARG C 24 43.40 6.35 -3.25
C ARG C 24 42.69 5.04 -2.95
N TYR C 25 41.40 5.15 -2.64
CA TYR C 25 40.67 4.02 -2.06
C TYR C 25 40.39 2.93 -3.08
N ASP C 26 40.29 3.28 -4.37
CA ASP C 26 40.18 2.25 -5.41
C ASP C 26 41.40 1.34 -5.39
N ASP C 27 42.61 1.93 -5.37
CA ASP C 27 43.82 1.13 -5.26
C ASP C 27 43.80 0.32 -3.97
N MET C 28 43.44 0.95 -2.86
CA MET C 28 43.41 0.26 -1.57
C MET C 28 42.50 -0.96 -1.64
N ALA C 29 41.32 -0.81 -2.25
CA ALA C 29 40.39 -1.92 -2.33
C ALA C 29 40.92 -3.02 -3.24
N ALA C 30 41.56 -2.64 -4.36
CA ALA C 30 42.10 -3.65 -5.27
C ALA C 30 43.19 -4.48 -4.58
N ALA C 31 44.03 -3.83 -3.79
CA ALA C 31 45.07 -4.55 -3.06
C ALA C 31 44.46 -5.52 -2.04
N MET C 32 43.47 -5.06 -1.28
CA MET C 32 42.88 -5.93 -0.26
C MET C 32 42.02 -7.01 -0.88
N LYS C 33 41.41 -6.74 -2.04
CA LYS C 33 40.74 -7.80 -2.80
C LYS C 33 41.74 -8.90 -3.18
N ALA C 34 42.90 -8.51 -3.72
CA ALA C 34 43.92 -9.50 -4.08
C ALA C 34 44.42 -10.26 -2.86
N VAL C 35 44.51 -9.60 -1.69
CA VAL C 35 44.84 -10.31 -0.46
C VAL C 35 43.76 -11.34 -0.15
N THR C 36 42.49 -10.92 -0.25
CA THR C 36 41.38 -11.81 0.09
C THR C 36 41.34 -13.02 -0.83
N GLU C 37 41.68 -12.82 -2.11
CA GLU C 37 41.58 -13.91 -3.07
C GLU C 37 42.69 -14.95 -2.90
N GLN C 38 43.74 -14.62 -2.13
CA GLN C 38 44.75 -15.61 -1.81
C GLN C 38 44.25 -16.63 -0.81
N GLY C 39 43.08 -16.42 -0.22
CA GLY C 39 42.40 -17.46 0.53
C GLY C 39 43.02 -17.88 1.83
N HIS C 40 43.68 -16.95 2.54
CA HIS C 40 44.05 -17.15 3.93
C HIS C 40 43.22 -16.20 4.79
N GLU C 41 42.90 -16.66 6.01
CA GLU C 41 42.08 -15.86 6.92
C GLU C 41 42.78 -14.52 7.18
N LEU C 42 42.04 -13.43 7.00
CA LEU C 42 42.62 -12.11 7.19
C LEU C 42 42.90 -11.87 8.68
N SER C 43 43.98 -11.15 8.95
CA SER C 43 44.21 -10.71 10.31
C SER C 43 43.20 -9.61 10.68
N ASN C 44 43.22 -9.20 11.96
CA ASN C 44 42.37 -8.08 12.38
C ASN C 44 42.72 -6.81 11.61
N GLU C 45 44.02 -6.54 11.42
CA GLU C 45 44.43 -5.37 10.67
CA GLU C 45 44.42 -5.36 10.66
C GLU C 45 43.93 -5.44 9.22
N GLU C 46 44.09 -6.59 8.59
CA GLU C 46 43.69 -6.75 7.19
C GLU C 46 42.18 -6.63 7.03
N ARG C 47 41.43 -7.14 8.00
CA ARG C 47 39.99 -6.98 8.01
C ARG C 47 39.61 -5.51 7.99
N ASN C 48 40.27 -4.71 8.83
CA ASN C 48 39.98 -3.29 8.87
C ASN C 48 40.38 -2.60 7.59
N LEU C 49 41.53 -2.98 7.03
CA LEU C 49 41.95 -2.38 5.76
C LEU C 49 40.94 -2.68 4.66
N LEU C 50 40.46 -3.92 4.59
CA LEU C 50 39.46 -4.25 3.57
C LEU C 50 38.18 -3.45 3.77
N SER C 51 37.74 -3.33 5.02
CA SER C 51 36.50 -2.63 5.32
C SER C 51 36.60 -1.12 5.06
N VAL C 52 37.71 -0.50 5.47
CA VAL C 52 37.92 0.92 5.20
C VAL C 52 37.93 1.20 3.71
N ALA C 53 38.64 0.35 2.94
CA ALA C 53 38.76 0.57 1.50
C ALA C 53 37.40 0.57 0.82
N TYR C 54 36.63 -0.51 1.00
CA TYR C 54 35.38 -0.59 0.26
C TYR C 54 34.34 0.37 0.82
N LYS C 55 34.37 0.67 2.11
CA LYS C 55 33.43 1.65 2.64
C LYS C 55 33.65 3.03 2.03
N ASN C 56 34.92 3.39 1.77
CA ASN C 56 35.21 4.67 1.15
C ASN C 56 34.85 4.64 -0.33
N VAL C 57 35.06 3.51 -0.99
CA VAL C 57 34.71 3.40 -2.39
C VAL C 57 33.19 3.48 -2.58
N VAL C 58 32.45 2.67 -1.82
CA VAL C 58 31.00 2.74 -1.93
C VAL C 58 30.47 4.03 -1.32
N GLY C 59 31.14 4.55 -0.29
CA GLY C 59 30.67 5.73 0.41
C GLY C 59 30.69 6.97 -0.46
N ALA C 60 31.66 7.06 -1.37
CA ALA C 60 31.68 8.16 -2.33
C ALA C 60 30.44 8.15 -3.22
N ARG C 61 29.98 6.95 -3.62
CA ARG C 61 28.77 6.88 -4.43
C ARG C 61 27.53 7.17 -3.59
N ARG C 62 27.45 6.64 -2.37
CA ARG C 62 26.29 6.91 -1.54
C ARG C 62 26.14 8.40 -1.31
N SER C 63 27.25 9.08 -1.02
CA SER C 63 27.21 10.52 -0.80
C SER C 63 26.81 11.25 -2.08
N SER C 64 27.38 10.86 -3.22
CA SER C 64 27.03 11.51 -4.48
C SER C 64 25.56 11.25 -4.82
N TRP C 65 25.08 10.04 -4.58
CA TRP C 65 23.67 9.70 -4.78
C TRP C 65 22.76 10.62 -3.98
N ARG C 66 23.07 10.81 -2.70
CA ARG C 66 22.25 11.68 -1.86
C ARG C 66 22.22 13.11 -2.38
N VAL C 67 23.32 13.58 -2.96
CA VAL C 67 23.38 14.96 -3.44
C VAL C 67 22.52 15.13 -4.68
N ILE C 68 22.65 14.22 -5.64
CA ILE C 68 21.83 14.30 -6.84
C ILE C 68 20.36 14.19 -6.47
N SER C 69 20.04 13.29 -5.53
CA SER C 69 18.66 13.08 -5.10
C SER C 69 18.06 14.35 -4.53
N SER C 70 18.79 15.03 -3.64
CA SER C 70 18.28 16.27 -3.08
C SER C 70 18.06 17.32 -4.16
N ILE C 71 18.95 17.36 -5.16
CA ILE C 71 18.83 18.33 -6.23
C ILE C 71 17.58 18.05 -7.06
N GLU C 72 17.30 16.77 -7.33
CA GLU C 72 16.12 16.39 -8.08
C GLU C 72 14.83 16.80 -7.37
N GLN C 73 14.85 16.87 -6.04
CA GLN C 73 13.68 17.33 -5.30
C GLN C 73 13.51 18.85 -5.40
N LYS C 74 13.91 19.44 -6.53
CA LYS C 74 13.86 20.89 -6.71
C LYS C 74 13.71 21.20 -8.20
N THR C 75 13.93 22.47 -8.55
CA THR C 75 13.82 22.97 -9.92
C THR C 75 12.52 22.56 -10.61
N GLN C 82 16.17 18.16 -15.50
CA GLN C 82 15.62 17.15 -14.61
C GLN C 82 15.75 15.76 -15.22
N GLN C 83 15.44 15.68 -16.51
CA GLN C 83 15.61 14.42 -17.24
C GLN C 83 17.06 13.93 -17.18
N MET C 84 18.01 14.85 -17.07
CA MET C 84 19.41 14.47 -16.97
C MET C 84 19.84 14.20 -15.54
N GLY C 85 19.20 14.85 -14.56
CA GLY C 85 19.50 14.57 -13.18
C GLY C 85 19.15 13.14 -12.78
N LYS C 86 18.11 12.57 -13.39
CA LYS C 86 17.74 11.20 -13.10
C LYS C 86 18.74 10.22 -13.71
N GLU C 87 19.10 10.45 -14.97
CA GLU C 87 20.05 9.56 -15.63
C GLU C 87 21.40 9.57 -14.93
N TYR C 88 21.81 10.71 -14.39
CA TYR C 88 23.07 10.80 -13.67
C TYR C 88 23.00 10.00 -12.37
N ARG C 89 21.89 10.14 -11.63
CA ARG C 89 21.68 9.32 -10.45
C ARG C 89 21.79 7.85 -10.78
N GLU C 90 21.23 7.43 -11.93
CA GLU C 90 21.25 6.02 -12.28
C GLU C 90 22.66 5.53 -12.59
N LYS C 91 23.45 6.33 -13.29
CA LYS C 91 24.86 6.02 -13.49
C LYS C 91 25.56 5.78 -12.15
N ILE C 92 25.30 6.66 -11.17
CA ILE C 92 25.89 6.47 -9.85
C ILE C 92 25.40 5.18 -9.23
N GLU C 93 24.09 4.92 -9.34
CA GLU C 93 23.51 3.70 -8.77
C GLU C 93 24.19 2.45 -9.33
N ALA C 94 24.49 2.45 -10.64
CA ALA C 94 25.12 1.30 -11.26
C ALA C 94 26.55 1.08 -10.75
N GLU C 95 27.28 2.17 -10.53
CA GLU C 95 28.61 2.04 -9.91
C GLU C 95 28.48 1.44 -8.51
N LEU C 96 27.52 1.95 -7.74
CA LEU C 96 27.30 1.47 -6.39
C LEU C 96 27.02 -0.02 -6.39
N GLN C 97 26.15 -0.48 -7.31
CA GLN C 97 25.83 -1.89 -7.36
C GLN C 97 27.03 -2.73 -7.75
N ASP C 98 27.84 -2.27 -8.71
CA ASP C 98 29.07 -2.99 -9.05
C ASP C 98 29.97 -3.16 -7.84
N ILE C 99 30.15 -2.10 -7.06
CA ILE C 99 31.01 -2.12 -5.89
C ILE C 99 30.47 -3.08 -4.84
N CYS C 100 29.19 -2.91 -4.48
CA CYS C 100 28.57 -3.78 -3.50
C CYS C 100 28.61 -5.24 -3.94
N ASN C 101 28.33 -5.49 -5.22
CA ASN C 101 28.39 -6.87 -5.68
C ASN C 101 29.82 -7.42 -5.61
N ASP C 102 30.82 -6.59 -5.78
CA ASP C 102 32.19 -7.00 -5.70
C ASP C 102 32.49 -7.58 -4.30
N VAL C 103 32.21 -6.78 -3.29
CA VAL C 103 32.42 -7.12 -1.92
C VAL C 103 31.56 -8.26 -1.45
N LEU C 104 30.32 -8.29 -1.85
CA LEU C 104 29.44 -9.37 -1.45
C LEU C 104 29.93 -10.71 -1.99
N GLU C 105 30.58 -10.72 -3.17
CA GLU C 105 31.19 -11.94 -3.67
C GLU C 105 32.45 -12.33 -2.90
N LEU C 106 33.30 -11.35 -2.57
CA LEU C 106 34.44 -11.64 -1.71
C LEU C 106 33.97 -12.25 -0.38
N LEU C 107 32.90 -11.69 0.19
CA LEU C 107 32.41 -12.21 1.47
C LEU C 107 31.85 -13.62 1.31
N ASP C 108 31.06 -13.84 0.26
CA ASP C 108 30.41 -15.14 0.08
C ASP C 108 31.39 -16.21 -0.38
N LYS C 109 32.41 -15.86 -1.13
CA LYS C 109 33.24 -16.91 -1.68
C LYS C 109 34.49 -17.17 -0.85
N TYR C 110 35.00 -16.20 -0.08
CA TYR C 110 36.23 -16.42 0.69
C TYR C 110 36.07 -16.17 2.18
N LEU C 111 35.57 -14.98 2.54
CA LEU C 111 35.68 -14.51 3.92
C LEU C 111 34.77 -15.29 4.85
N ILE C 112 33.46 -15.31 4.56
CA ILE C 112 32.52 -15.98 5.46
C ILE C 112 32.79 -17.48 5.56
N PRO C 113 33.03 -18.22 4.46
CA PRO C 113 33.23 -19.67 4.62
C PRO C 113 34.44 -20.04 5.45
N ASN C 114 35.53 -19.28 5.36
CA ASN C 114 36.73 -19.61 6.10
C ASN C 114 36.78 -19.02 7.51
N ALA C 115 35.75 -18.29 7.93
CA ALA C 115 35.74 -17.66 9.24
C ALA C 115 35.44 -18.72 10.30
N THR C 116 36.47 -19.16 11.02
CA THR C 116 36.27 -20.19 12.04
C THR C 116 36.02 -19.61 13.44
N GLN C 117 36.35 -18.35 13.66
CA GLN C 117 36.06 -17.81 14.98
C GLN C 117 34.84 -16.90 14.96
N PRO C 118 34.08 -16.84 16.05
CA PRO C 118 32.83 -16.06 16.02
C PRO C 118 33.08 -14.58 15.81
N GLU C 119 34.22 -14.06 16.26
CA GLU C 119 34.48 -12.64 16.05
C GLU C 119 34.54 -12.29 14.57
N SER C 120 35.35 -13.00 13.79
CA SER C 120 35.41 -12.65 12.39
C SER C 120 34.13 -13.05 11.66
N LYS C 121 33.45 -14.11 12.13
CA LYS C 121 32.19 -14.48 11.50
C LYS C 121 31.15 -13.36 11.65
N VAL C 122 31.06 -12.77 12.84
CA VAL C 122 30.14 -11.65 13.03
C VAL C 122 30.59 -10.44 12.20
N PHE C 123 31.90 -10.14 12.20
CA PHE C 123 32.43 -9.05 11.39
C PHE C 123 32.00 -9.18 9.93
N TYR C 124 32.24 -10.35 9.33
CA TYR C 124 31.90 -10.52 7.92
C TYR C 124 30.39 -10.55 7.70
N LEU C 125 29.64 -11.16 8.62
CA LEU C 125 28.19 -11.20 8.43
C LEU C 125 27.58 -9.81 8.56
N LYS C 126 28.12 -8.98 9.46
CA LYS C 126 27.74 -7.58 9.52
C LYS C 126 28.03 -6.88 8.19
N MET C 127 29.23 -7.08 7.65
CA MET C 127 29.56 -6.47 6.38
C MET C 127 28.57 -6.88 5.30
N LYS C 128 28.26 -8.18 5.24
CA LYS C 128 27.29 -8.67 4.28
C LYS C 128 25.96 -7.94 4.43
N GLY C 129 25.47 -7.85 5.66
CA GLY C 129 24.26 -7.07 5.93
C GLY C 129 24.40 -5.62 5.50
N ASP C 130 25.58 -5.03 5.73
CA ASP C 130 25.79 -3.63 5.38
C ASP C 130 25.69 -3.42 3.88
N TYR C 131 26.42 -4.23 3.09
CA TYR C 131 26.46 -3.95 1.66
C TYR C 131 25.16 -4.34 0.98
N PHE C 132 24.41 -5.31 1.54
CA PHE C 132 23.04 -5.50 1.05
C PHE C 132 22.13 -4.35 1.47
N ARG C 133 22.41 -3.72 2.62
CA ARG C 133 21.68 -2.50 2.98
C ARG C 133 21.96 -1.35 2.01
N TYR C 134 23.22 -1.17 1.61
CA TYR C 134 23.54 -0.12 0.64
C TYR C 134 22.86 -0.37 -0.70
N LEU C 135 22.92 -1.61 -1.20
CA LEU C 135 22.13 -1.97 -2.38
C LEU C 135 20.67 -1.59 -2.20
N SER C 136 20.10 -1.94 -1.05
CA SER C 136 18.69 -1.69 -0.79
C SER C 136 18.35 -0.21 -0.77
N GLU C 137 19.33 0.66 -0.52
CA GLU C 137 19.03 2.10 -0.47
C GLU C 137 18.62 2.63 -1.82
N VAL C 138 19.10 2.02 -2.91
CA VAL C 138 18.85 2.49 -4.26
C VAL C 138 18.11 1.49 -5.10
N ALA C 139 17.68 0.36 -4.52
CA ALA C 139 17.05 -0.71 -5.28
C ALA C 139 15.55 -0.48 -5.43
N SER C 140 14.96 -1.19 -6.40
CA SER C 140 13.53 -1.17 -6.64
C SER C 140 13.07 -2.53 -7.13
N GLY C 141 11.77 -2.76 -7.04
CA GLY C 141 11.17 -3.93 -7.67
C GLY C 141 11.62 -5.23 -7.03
N ASP C 142 11.69 -6.27 -7.87
CA ASP C 142 12.13 -7.59 -7.41
C ASP C 142 13.49 -7.51 -6.74
N ASN C 143 14.42 -6.77 -7.33
CA ASN C 143 15.77 -6.69 -6.80
C ASN C 143 15.76 -6.19 -5.37
N LYS C 144 14.98 -5.14 -5.11
CA LYS C 144 14.93 -4.60 -3.76
C LYS C 144 14.48 -5.66 -2.75
N GLN C 145 13.49 -6.47 -3.12
CA GLN C 145 13.00 -7.48 -2.18
C GLN C 145 14.07 -8.50 -1.85
N THR C 146 14.92 -8.86 -2.81
CA THR C 146 15.98 -9.83 -2.53
C THR C 146 17.13 -9.18 -1.75
N THR C 147 17.51 -7.94 -2.09
CA THR C 147 18.58 -7.28 -1.35
C THR C 147 18.17 -7.05 0.11
N VAL C 148 16.95 -6.55 0.33
CA VAL C 148 16.48 -6.28 1.69
C VAL C 148 16.41 -7.57 2.50
N SER C 149 15.90 -8.64 1.89
CA SER C 149 15.83 -9.91 2.59
C SER C 149 17.24 -10.42 2.88
N ASN C 150 18.14 -10.29 1.92
CA ASN C 150 19.49 -10.81 2.15
C ASN C 150 20.19 -10.00 3.24
N SER C 151 19.95 -8.69 3.27
CA SER C 151 20.51 -7.85 4.33
C SER C 151 20.03 -8.30 5.71
N GLN C 152 18.72 -8.45 5.87
CA GLN C 152 18.17 -8.78 7.18
C GLN C 152 18.62 -10.16 7.64
N GLN C 153 18.72 -11.11 6.72
CA GLN C 153 19.19 -12.44 7.08
C GLN C 153 20.61 -12.39 7.61
N ALA C 154 21.49 -11.65 6.94
CA ALA C 154 22.88 -11.57 7.36
C ALA C 154 23.00 -10.90 8.73
N TYR C 155 22.30 -9.77 8.91
CA TYR C 155 22.26 -9.10 10.21
C TYR C 155 21.76 -10.03 11.30
N GLN C 156 20.66 -10.75 11.03
CA GLN C 156 20.06 -11.58 12.07
C GLN C 156 20.99 -12.70 12.49
N GLU C 157 21.62 -13.36 11.53
CA GLU C 157 22.59 -14.39 11.86
C GLU C 157 23.75 -13.81 12.65
N ALA C 158 24.31 -12.69 12.18
CA ALA C 158 25.36 -12.02 12.94
C ALA C 158 24.91 -11.71 14.36
N PHE C 159 23.68 -11.23 14.48
CA PHE C 159 23.15 -10.81 15.77
C PHE C 159 23.10 -11.96 16.75
N GLU C 160 22.64 -13.13 16.30
CA GLU C 160 22.49 -14.26 17.20
C GLU C 160 23.85 -14.77 17.66
N ILE C 161 24.85 -14.80 16.78
CA ILE C 161 26.18 -15.22 17.20
C ILE C 161 26.74 -14.27 18.26
N SER C 162 26.62 -12.96 18.04
CA SER C 162 27.25 -12.01 18.93
C SER C 162 26.64 -12.05 20.32
N LYS C 163 25.32 -12.25 20.41
CA LYS C 163 24.70 -12.40 21.73
C LYS C 163 25.22 -13.63 22.46
N LYS C 164 25.61 -14.67 21.78
CA LYS C 164 26.13 -15.70 22.60
C LYS C 164 27.60 -15.78 22.72
N GLU C 165 28.32 -15.05 21.91
CA GLU C 165 29.77 -15.14 21.94
C GLU C 165 30.48 -13.87 22.35
N MET C 166 29.80 -12.73 22.39
CA MET C 166 30.47 -11.46 22.63
C MET C 166 29.82 -10.73 23.79
N GLN C 167 30.65 -10.05 24.57
CA GLN C 167 30.13 -9.21 25.61
C GLN C 167 29.42 -8.01 24.98
N PRO C 168 28.42 -7.46 25.67
CA PRO C 168 27.67 -6.34 25.10
C PRO C 168 28.52 -5.10 24.84
N THR C 169 29.68 -4.97 25.48
CA THR C 169 30.57 -3.84 25.23
C THR C 169 31.54 -4.08 24.09
N HIS C 170 31.53 -5.25 23.46
CA HIS C 170 32.48 -5.55 22.39
C HIS C 170 32.18 -4.68 21.19
N PRO C 171 33.17 -3.98 20.63
CA PRO C 171 32.89 -3.01 19.55
C PRO C 171 32.14 -3.59 18.37
N ILE C 172 32.44 -4.82 17.94
CA ILE C 172 31.76 -5.40 16.78
C ILE C 172 30.30 -5.70 17.10
N ARG C 173 30.01 -6.12 18.34
CA ARG C 173 28.61 -6.34 18.71
C ARG C 173 27.85 -5.02 18.78
N LEU C 174 28.45 -3.99 19.38
CA LEU C 174 27.80 -2.67 19.40
C LEU C 174 27.61 -2.13 18.00
N GLY C 175 28.61 -2.31 17.13
CA GLY C 175 28.49 -1.76 15.79
C GLY C 175 27.50 -2.52 14.94
N LEU C 176 27.37 -3.82 15.17
CA LEU C 176 26.35 -4.60 14.48
C LEU C 176 24.96 -4.13 14.90
N ALA C 177 24.75 -3.96 16.20
CA ALA C 177 23.45 -3.52 16.68
C ALA C 177 23.11 -2.14 16.12
N LEU C 178 24.10 -1.24 16.06
CA LEU C 178 23.87 0.08 15.50
C LEU C 178 23.41 -0.01 14.04
N ASN C 179 24.12 -0.78 13.24
CA ASN C 179 23.78 -0.86 11.83
C ASN C 179 22.47 -1.61 11.63
N PHE C 180 22.24 -2.66 12.41
CA PHE C 180 20.98 -3.39 12.33
C PHE C 180 19.80 -2.48 12.68
N SER C 181 19.96 -1.64 13.71
CA SER C 181 18.91 -0.67 14.04
C SER C 181 18.69 0.33 12.91
N VAL C 182 19.77 0.81 12.28
CA VAL C 182 19.63 1.70 11.13
C VAL C 182 18.88 0.99 10.00
N PHE C 183 19.20 -0.28 9.78
CA PHE C 183 18.47 -1.09 8.80
C PHE C 183 16.96 -1.07 9.05
N TYR C 184 16.56 -1.30 10.31
CA TYR C 184 15.14 -1.27 10.63
C TYR C 184 14.54 0.10 10.39
N TYR C 185 15.22 1.16 10.83
CA TYR C 185 14.66 2.49 10.67
C TYR C 185 14.58 2.90 9.20
N GLU C 186 15.69 2.78 8.47
CA GLU C 186 15.79 3.39 7.15
C GLU C 186 15.35 2.46 6.03
N ILE C 187 15.46 1.15 6.19
CA ILE C 187 15.09 0.21 5.13
C ILE C 187 13.72 -0.39 5.37
N LEU C 188 13.50 -0.99 6.54
CA LEU C 188 12.21 -1.63 6.80
C LEU C 188 11.15 -0.68 7.29
N ASN C 189 11.47 0.60 7.47
CA ASN C 189 10.53 1.59 7.99
C ASN C 189 9.79 1.08 9.23
N SER C 190 10.57 0.58 10.20
CA SER C 190 10.03 0.04 11.45
C SER C 190 10.62 0.81 12.62
N PRO C 191 10.25 2.08 12.80
CA PRO C 191 10.89 2.91 13.83
C PRO C 191 10.86 2.30 15.22
N GLU C 192 9.81 1.55 15.57
CA GLU C 192 9.77 1.03 16.93
C GLU C 192 10.70 -0.15 17.10
N LYS C 193 10.85 -0.99 16.08
CA LYS C 193 11.87 -2.04 16.13
C LYS C 193 13.27 -1.44 16.18
N ALA C 194 13.54 -0.45 15.33
CA ALA C 194 14.85 0.19 15.32
C ALA C 194 15.17 0.82 16.67
N CYS C 195 14.20 1.52 17.28
CA CYS C 195 14.47 2.17 18.55
C CYS C 195 14.66 1.17 19.67
N SER C 196 13.87 0.10 19.68
CA SER C 196 14.03 -0.93 20.71
C SER C 196 15.41 -1.56 20.64
N LEU C 197 15.83 -1.94 19.43
CA LEU C 197 17.15 -2.51 19.25
C LEU C 197 18.24 -1.58 19.75
N ALA C 198 18.19 -0.30 19.33
CA ALA C 198 19.24 0.64 19.70
C ALA C 198 19.30 0.87 21.20
N LYS C 199 18.15 1.13 21.84
CA LYS C 199 18.14 1.32 23.29
C LYS C 199 18.68 0.09 24.01
N THR C 200 18.26 -1.10 23.57
CA THR C 200 18.72 -2.34 24.21
C THR C 200 20.23 -2.46 24.14
N ALA C 201 20.81 -2.22 22.97
CA ALA C 201 22.25 -2.34 22.81
C ALA C 201 22.99 -1.35 23.72
N PHE C 202 22.51 -0.10 23.79
CA PHE C 202 23.11 0.86 24.69
C PHE C 202 22.97 0.39 26.13
N ASP C 203 21.76 -0.01 26.53
CA ASP C 203 21.51 -0.42 27.90
C ASP C 203 22.40 -1.59 28.31
N GLU C 204 22.52 -2.60 27.44
CA GLU C 204 23.34 -3.76 27.82
C GLU C 204 24.82 -3.42 27.91
N ALA C 205 25.29 -2.45 27.12
CA ALA C 205 26.69 -2.05 27.18
C ALA C 205 26.98 -1.26 28.44
N ILE C 206 26.16 -0.24 28.73
CA ILE C 206 26.42 0.58 29.90
C ILE C 206 26.24 -0.25 31.18
N ALA C 207 25.41 -1.30 31.12
CA ALA C 207 25.22 -2.13 32.30
C ALA C 207 26.45 -2.97 32.60
N GLU C 208 27.34 -3.14 31.62
CA GLU C 208 28.58 -3.88 31.82
C GLU C 208 29.78 -3.02 31.47
N LEU C 209 29.71 -1.74 31.83
CA LEU C 209 30.76 -0.81 31.43
C LEU C 209 32.12 -1.27 31.94
N ASP C 210 32.17 -1.93 33.09
CA ASP C 210 33.45 -2.37 33.65
C ASP C 210 34.09 -3.51 32.84
N THR C 211 33.45 -4.03 31.79
CA THR C 211 34.09 -5.01 30.92
C THR C 211 34.79 -4.34 29.74
N LEU C 212 34.67 -3.03 29.60
CA LEU C 212 35.35 -2.32 28.53
C LEU C 212 36.86 -2.31 28.80
N ASN C 213 37.67 -2.60 27.79
CA ASN C 213 39.10 -2.52 28.01
C ASN C 213 39.72 -1.38 27.20
N GLU C 214 41.01 -1.16 27.43
CA GLU C 214 41.69 0.00 26.86
C GLU C 214 41.61 0.01 25.34
N GLU C 215 41.73 -1.15 24.70
CA GLU C 215 41.78 -1.18 23.25
C GLU C 215 40.41 -0.95 22.64
N SER C 216 39.35 -1.33 23.34
CA SER C 216 37.99 -1.19 22.83
CA SER C 216 38.00 -1.18 22.82
C SER C 216 37.32 0.11 23.27
N TYR C 217 37.88 0.81 24.26
CA TYR C 217 37.21 1.94 24.88
C TYR C 217 36.77 2.98 23.85
N LYS C 218 37.65 3.37 22.94
CA LYS C 218 37.30 4.49 22.06
C LYS C 218 36.16 4.11 21.11
N ASP C 219 36.29 2.95 20.45
CA ASP C 219 35.26 2.53 19.52
C ASP C 219 33.93 2.27 20.22
N SER C 220 33.95 1.58 21.35
CA SER C 220 32.69 1.24 21.99
C SER C 220 31.96 2.47 22.50
N THR C 221 32.68 3.43 23.10
CA THR C 221 32.02 4.65 23.58
C THR C 221 31.58 5.52 22.41
N LEU C 222 32.32 5.52 21.30
CA LEU C 222 31.84 6.24 20.11
C LEU C 222 30.52 5.64 19.62
N ILE C 223 30.46 4.31 19.50
CA ILE C 223 29.26 3.68 18.97
C ILE C 223 28.08 3.93 19.89
N MET C 224 28.30 3.85 21.20
CA MET C 224 27.24 4.15 22.16
C MET C 224 26.73 5.57 21.97
N GLN C 225 27.63 6.51 21.72
CA GLN C 225 27.23 7.88 21.41
C GLN C 225 26.39 7.94 20.14
N LEU C 226 26.78 7.18 19.11
CA LEU C 226 26.03 7.17 17.86
C LEU C 226 24.65 6.55 18.06
N LEU C 227 24.54 5.53 18.90
CA LEU C 227 23.23 4.98 19.27
C LEU C 227 22.33 6.05 19.85
N ARG C 228 22.88 6.86 20.78
CA ARG C 228 22.11 7.95 21.37
C ARG C 228 21.76 9.02 20.35
N ASP C 229 22.71 9.37 19.47
CA ASP C 229 22.41 10.39 18.47
C ASP C 229 21.28 9.94 17.55
N ASN C 230 21.28 8.67 17.15
CA ASN C 230 20.20 8.15 16.31
C ASN C 230 18.88 8.18 17.06
N LEU C 231 18.86 7.73 18.32
CA LEU C 231 17.62 7.70 19.08
C LEU C 231 17.04 9.10 19.25
N THR C 232 17.91 10.10 19.47
CA THR C 232 17.47 11.49 19.49
C THR C 232 16.83 11.88 18.16
N LEU C 233 17.53 11.63 17.05
CA LEU C 233 17.01 11.97 15.73
C LEU C 233 15.70 11.24 15.45
N TRP C 234 15.67 9.93 15.72
CA TRP C 234 14.51 9.13 15.36
C TRP C 234 13.29 9.52 16.19
N THR C 235 13.50 9.87 17.47
CA THR C 235 12.36 10.27 18.30
C THR C 235 11.92 11.71 18.08
N SER C 236 12.75 12.53 17.40
CA SER C 236 12.30 13.86 16.98
C SER C 236 11.12 13.77 16.04
N GLU C 237 11.05 12.72 15.23
CA GLU C 237 9.91 12.47 14.34
C GLU C 237 8.85 11.72 15.13
N ASN C 238 7.79 12.45 15.52
CA ASN C 238 6.68 11.97 16.36
C ASN C 238 6.46 10.45 16.37
N VAL D 4 19.75 15.59 7.17
CA VAL D 4 20.52 14.78 8.12
C VAL D 4 20.06 13.31 8.08
N THR D 5 21.02 12.40 8.12
CA THR D 5 20.79 10.96 7.99
C THR D 5 21.14 10.26 9.31
N SER D 6 20.68 9.02 9.43
CA SER D 6 21.13 8.19 10.53
C SER D 6 22.63 7.96 10.45
N SER D 7 23.27 7.90 11.60
CA SER D 7 24.67 7.53 11.69
C SER D 7 24.85 6.01 11.76
N CYS D 9 28.04 2.57 11.86
CA CYS D 9 29.30 2.16 12.47
C CYS D 9 30.52 2.63 11.66
N PRO D 10 31.58 3.08 12.34
CA PRO D 10 32.85 3.30 11.64
C PRO D 10 33.30 2.03 10.93
N ALA D 11 34.01 2.21 9.82
CA ALA D 11 34.49 1.03 9.10
C ALA D 11 35.75 0.45 9.73
N ASP D 12 36.41 1.20 10.60
CA ASP D 12 37.65 0.82 11.26
CA ASP D 12 37.65 0.78 11.26
C ASP D 12 37.33 0.46 12.72
N LEU D 13 37.39 -0.83 13.09
CA LEU D 13 37.07 -1.26 14.45
C LEU D 13 38.19 -2.11 15.05
N THR D 14 38.44 -1.91 16.35
CA THR D 14 39.41 -2.72 17.05
C THR D 14 38.77 -4.05 17.47
N GLN D 15 39.44 -5.15 17.16
CA GLN D 15 38.87 -6.47 17.37
C GLN D 15 39.66 -7.24 18.43
N GLY E 3 -13.11 -12.38 -17.31
CA GLY E 3 -13.05 -13.82 -17.12
C GLY E 3 -13.93 -14.34 -15.98
N VAL E 4 -14.90 -15.18 -16.33
CA VAL E 4 -15.81 -15.76 -15.34
C VAL E 4 -15.06 -16.73 -14.44
N THR E 5 -15.34 -16.66 -13.14
CA THR E 5 -14.73 -17.56 -12.17
C THR E 5 -15.82 -18.28 -11.38
N SER E 6 -15.38 -19.22 -10.55
CA SER E 6 -16.29 -19.93 -9.66
C SER E 6 -16.88 -18.97 -8.64
N SER E 7 -18.14 -19.22 -8.26
CA SER E 7 -18.75 -18.43 -7.20
C SER E 7 -18.47 -19.05 -5.84
N CYS E 9 -19.02 -18.45 -1.26
CA CYS E 9 -19.99 -18.08 -0.23
C CYS E 9 -19.98 -16.58 0.08
N PRO E 10 -21.16 -15.99 0.34
CA PRO E 10 -21.19 -14.61 0.84
C PRO E 10 -20.50 -14.50 2.19
N ALA E 11 -19.93 -13.31 2.43
CA ALA E 11 -19.11 -13.10 3.63
C ALA E 11 -19.94 -13.08 4.91
N ASP E 12 -21.19 -12.66 4.85
CA ASP E 12 -22.05 -12.64 6.03
C ASP E 12 -23.07 -13.76 5.93
N LEU E 13 -23.19 -14.54 6.99
CA LEU E 13 -24.07 -15.69 7.04
C LEU E 13 -24.97 -15.60 8.26
N THR E 14 -26.23 -15.94 8.09
CA THR E 14 -27.10 -16.10 9.24
C THR E 14 -26.62 -17.30 10.06
N GLN E 15 -26.60 -17.13 11.37
CA GLN E 15 -26.14 -18.18 12.26
C GLN E 15 -27.25 -18.54 13.24
N VAL F 4 -30.93 13.41 -2.05
CA VAL F 4 -30.67 13.78 -3.45
C VAL F 4 -29.77 15.00 -3.52
N THR F 5 -28.80 14.96 -4.43
CA THR F 5 -27.83 16.03 -4.58
C THR F 5 -27.79 16.49 -6.03
N SER F 6 -27.24 17.67 -6.23
CA SER F 6 -26.95 18.12 -7.57
C SER F 6 -25.93 17.20 -8.24
N SER F 7 -26.06 17.05 -9.54
CA SER F 7 -25.10 16.28 -10.32
C SER F 7 -24.00 17.22 -10.79
N CYS F 9 -19.93 17.48 -13.10
CA CYS F 9 -19.23 17.02 -14.29
C CYS F 9 -18.46 15.71 -14.07
N PRO F 10 -18.47 14.82 -15.07
CA PRO F 10 -17.58 13.67 -15.03
C PRO F 10 -16.12 14.08 -14.92
N ALA F 11 -15.34 13.20 -14.30
CA ALA F 11 -13.96 13.56 -13.97
C ALA F 11 -13.03 13.50 -15.18
N ASP F 12 -13.31 12.68 -16.18
CA ASP F 12 -12.53 12.71 -17.41
C ASP F 12 -13.40 13.26 -18.54
N LEU F 13 -12.78 14.09 -19.38
CA LEU F 13 -13.45 14.81 -20.44
C LEU F 13 -12.62 14.74 -21.71
N THR F 14 -13.31 14.59 -22.84
CA THR F 14 -12.66 14.71 -24.13
C THR F 14 -12.08 16.12 -24.29
N GLN F 15 -10.80 16.19 -24.66
CA GLN F 15 -10.12 17.47 -24.86
C GLN F 15 -9.66 17.63 -26.32
#